data_7CTC
#
_entry.id   7CTC
#
_cell.length_a   88.723
_cell.length_b   93.737
_cell.length_c   108.999
_cell.angle_alpha   90.000
_cell.angle_beta   90.000
_cell.angle_gamma   90.000
#
_symmetry.space_group_name_H-M   'P 21 21 21'
#
loop_
_entity.id
_entity.type
_entity.pdbx_description
1 polymer 'Ferrochelatase, mitochondrial'
2 non-polymer 'FE2/S2 (INORGANIC) CLUSTER'
3 non-polymer 2-(4-tert-butylphenyl)-5-[(quinolin-2-ylamino)methyl]-6H-[1,2,4]triazolo[1,5-a]pyrimidin-7-one
4 water water
#
_entity_poly.entity_id   1
_entity_poly.type   'polypeptide(L)'
_entity_poly.pdbx_seq_one_letter_code
;MRSLGANMAAALRAAGVLLRDPLASSSWRVCQPWRWKSGAAAAAVTTETAQHAQGAKPQVQPQKRKPKTGILMLNMGGPE
TLGDVHDFLLRLFLDRDLMTLPIQNKLAPFIAKRLTPKIQEQYRRIGGGSPIKIWTSKQGEGMVKLLDELSPNTAPHKYY
IGFRYVHPLTEEAIEEMERDGLERAIAFTQYPQYSCSTTGSSLNAIYRYYNQVGRKPTMKWSTIDRWPTHHLLIQCFADH
ILKELDHFPLEKRSEVVILFSAHSLPMSVVNRGDPYPQEVSATVQKVMERLEYCNPYRLVWQSKVGPMPWLGPQTDESIK
GLCERGRKNILLVPIAFTSDHIETLYELDIEYSQVLAKECGVENIRRAESLNGNPLFSKALADLVHSHIQSNELCSKQLT
LSCPLCVNPVCRETKSFFTSQQL
;
_entity_poly.pdbx_strand_id   A,D
#
loop_
_chem_comp.id
_chem_comp.type
_chem_comp.name
_chem_comp.formula
FES non-polymer 'FE2/S2 (INORGANIC) CLUSTER' 'Fe2 S2'
GFO non-polymer 2-(4-tert-butylphenyl)-5-[(quinolin-2-ylamino)methyl]-6H-[1,2,4]triazolo[1,5-a]pyrimidin-7-one 'C25 H24 N6 O'
#
# COMPACT_ATOMS: atom_id res chain seq x y z
N ARG A 65 -42.81 -1.17 -15.73
CA ARG A 65 -42.01 -0.78 -16.87
C ARG A 65 -40.78 -1.69 -17.05
N LYS A 66 -40.40 -1.86 -18.32
CA LYS A 66 -39.27 -2.71 -18.67
C LYS A 66 -37.98 -2.16 -18.06
N PRO A 67 -37.18 -2.99 -17.37
CA PRO A 67 -35.88 -2.51 -16.88
C PRO A 67 -34.98 -2.10 -18.02
N LYS A 68 -34.35 -0.93 -17.86
CA LYS A 68 -33.47 -0.32 -18.84
C LYS A 68 -31.99 -0.52 -18.55
N THR A 69 -31.57 -0.39 -17.28
CA THR A 69 -30.17 -0.45 -16.89
C THR A 69 -30.00 -1.53 -15.84
N GLY A 70 -29.11 -2.49 -16.10
CA GLY A 70 -28.83 -3.57 -15.18
C GLY A 70 -27.48 -3.35 -14.49
N ILE A 71 -27.48 -3.50 -13.17
CA ILE A 71 -26.25 -3.37 -12.40
C ILE A 71 -25.93 -4.75 -11.86
N LEU A 72 -24.92 -5.37 -12.44
CA LEU A 72 -24.47 -6.71 -12.06
C LEU A 72 -23.48 -6.61 -10.91
N MET A 73 -23.92 -7.03 -9.74
CA MET A 73 -23.16 -7.04 -8.53
C MET A 73 -22.34 -8.33 -8.40
N LEU A 74 -21.05 -8.16 -8.57
CA LEU A 74 -20.12 -9.24 -8.56
C LEU A 74 -19.39 -9.47 -7.28
N ASN A 75 -19.47 -10.70 -6.81
CA ASN A 75 -18.87 -11.11 -5.56
C ASN A 75 -18.58 -12.61 -5.67
N MET A 76 -17.64 -13.09 -4.87
CA MET A 76 -17.30 -14.52 -4.85
C MET A 76 -18.49 -15.35 -4.41
N GLY A 77 -19.20 -14.85 -3.39
CA GLY A 77 -20.34 -15.54 -2.84
C GLY A 77 -19.92 -16.51 -1.75
N GLY A 78 -20.89 -17.11 -1.11
CA GLY A 78 -20.65 -18.07 -0.06
C GLY A 78 -21.84 -18.99 0.07
N PRO A 79 -21.65 -20.21 0.56
CA PRO A 79 -22.74 -21.17 0.66
C PRO A 79 -23.84 -20.72 1.60
N GLU A 80 -25.08 -20.65 1.18
CA GLU A 80 -26.19 -20.19 2.03
C GLU A 80 -26.61 -21.24 3.06
N THR A 81 -26.47 -22.52 2.74
CA THR A 81 -26.75 -23.59 3.70
C THR A 81 -25.57 -24.56 3.68
N LEU A 82 -25.53 -25.43 4.70
CA LEU A 82 -24.47 -26.43 4.76
C LEU A 82 -24.46 -27.32 3.52
N GLY A 83 -25.64 -27.59 2.95
CA GLY A 83 -25.73 -28.41 1.77
C GLY A 83 -25.07 -27.80 0.54
N ASP A 84 -24.92 -26.47 0.51
CA ASP A 84 -24.28 -25.79 -0.61
C ASP A 84 -22.75 -25.79 -0.54
N VAL A 85 -22.17 -26.23 0.57
CA VAL A 85 -20.72 -26.10 0.79
C VAL A 85 -19.94 -26.85 -0.29
N HIS A 86 -20.31 -28.12 -0.52
CA HIS A 86 -19.55 -28.96 -1.44
C HIS A 86 -19.41 -28.32 -2.83
N ASP A 87 -20.54 -27.92 -3.43
CA ASP A 87 -20.51 -27.32 -4.77
C ASP A 87 -19.74 -25.99 -4.77
N PHE A 88 -19.86 -25.24 -3.67
CA PHE A 88 -19.10 -24.00 -3.52
C PHE A 88 -17.60 -24.26 -3.63
N LEU A 89 -17.11 -25.24 -2.87
CA LEU A 89 -15.70 -25.61 -2.93
C LEU A 89 -15.31 -26.18 -4.30
N LEU A 90 -16.19 -26.99 -4.91
CA LEU A 90 -15.86 -27.55 -6.22
C LEU A 90 -15.61 -26.43 -7.24
N ARG A 91 -16.53 -25.48 -7.33
CA ARG A 91 -16.37 -24.37 -8.25
C ARG A 91 -15.15 -23.53 -7.91
N LEU A 92 -14.85 -23.39 -6.62
CA LEU A 92 -13.68 -22.62 -6.22
C LEU A 92 -12.40 -23.27 -6.72
N PHE A 93 -12.24 -24.55 -6.44
CA PHE A 93 -11.02 -25.26 -6.85
C PHE A 93 -10.94 -25.49 -8.36
N LEU A 94 -12.03 -25.32 -9.09
CA LEU A 94 -12.00 -25.39 -10.55
C LEU A 94 -11.62 -24.08 -11.21
N ASP A 95 -11.68 -22.97 -10.48
CA ASP A 95 -11.43 -21.64 -11.04
C ASP A 95 -9.95 -21.51 -11.35
N ARG A 96 -9.60 -21.59 -12.62
CA ARG A 96 -8.20 -21.47 -13.02
C ARG A 96 -7.66 -20.06 -12.82
N ASP A 97 -8.55 -19.06 -12.78
CA ASP A 97 -8.11 -17.70 -12.56
C ASP A 97 -7.77 -17.43 -11.10
N LEU A 98 -8.23 -18.28 -10.19
CA LEU A 98 -7.88 -18.18 -8.77
C LEU A 98 -6.72 -19.07 -8.39
N MET A 99 -6.59 -20.25 -9.01
CA MET A 99 -5.51 -21.18 -8.73
C MET A 99 -5.41 -22.22 -9.84
N THR A 100 -4.23 -22.78 -10.01
CA THR A 100 -3.98 -23.87 -10.95
C THR A 100 -3.57 -25.11 -10.17
N LEU A 101 -4.12 -26.27 -10.54
CA LEU A 101 -3.79 -27.49 -9.82
C LEU A 101 -3.58 -28.65 -10.80
N PRO A 102 -2.74 -29.62 -10.42
CA PRO A 102 -2.48 -30.77 -11.30
C PRO A 102 -3.72 -31.65 -11.47
N ILE A 103 -4.08 -31.91 -12.73
CA ILE A 103 -5.27 -32.69 -13.04
C ILE A 103 -6.45 -32.00 -12.37
N GLN A 104 -6.53 -30.67 -12.57
CA GLN A 104 -7.53 -29.85 -11.90
C GLN A 104 -8.94 -30.43 -12.06
N ASN A 105 -9.30 -30.85 -13.28
CA ASN A 105 -10.68 -31.28 -13.53
C ASN A 105 -11.11 -32.45 -12.66
N LYS A 106 -10.16 -33.15 -12.03
CA LYS A 106 -10.50 -34.21 -11.07
C LYS A 106 -9.74 -34.12 -9.76
N LEU A 107 -8.68 -33.32 -9.67
CA LEU A 107 -8.11 -33.05 -8.36
C LEU A 107 -8.98 -32.07 -7.58
N ALA A 108 -9.71 -31.20 -8.27
CA ALA A 108 -10.63 -30.30 -7.58
C ALA A 108 -11.76 -31.05 -6.89
N PRO A 109 -12.50 -31.96 -7.55
CA PRO A 109 -13.53 -32.71 -6.82
C PRO A 109 -12.97 -33.46 -5.62
N PHE A 110 -11.74 -33.97 -5.72
CA PHE A 110 -11.13 -34.66 -4.59
C PHE A 110 -10.97 -33.72 -3.40
N ILE A 111 -10.31 -32.57 -3.61
CA ILE A 111 -10.12 -31.63 -2.51
C ILE A 111 -11.46 -31.16 -1.96
N ALA A 112 -12.41 -30.89 -2.86
CA ALA A 112 -13.72 -30.40 -2.44
C ALA A 112 -14.42 -31.38 -1.50
N LYS A 113 -14.43 -32.66 -1.86
CA LYS A 113 -15.11 -33.62 -1.00
C LYS A 113 -14.36 -33.81 0.32
N ARG A 114 -13.01 -33.76 0.27
CA ARG A 114 -12.21 -33.94 1.48
C ARG A 114 -12.44 -32.79 2.47
N LEU A 115 -12.60 -31.58 1.97
CA LEU A 115 -12.68 -30.41 2.84
C LEU A 115 -14.11 -30.02 3.22
N THR A 116 -15.11 -30.58 2.55
CA THR A 116 -16.50 -30.22 2.83
C THR A 116 -16.90 -30.35 4.30
N PRO A 117 -16.60 -31.46 5.02
CA PRO A 117 -16.99 -31.50 6.44
C PRO A 117 -16.37 -30.38 7.25
N LYS A 118 -15.09 -30.11 7.03
CA LYS A 118 -14.40 -29.05 7.75
C LYS A 118 -15.08 -27.71 7.50
N ILE A 119 -15.37 -27.40 6.24
CA ILE A 119 -15.95 -26.10 5.92
C ILE A 119 -17.40 -26.04 6.39
N GLN A 120 -18.14 -27.14 6.29
CA GLN A 120 -19.49 -27.20 6.85
C GLN A 120 -19.47 -26.85 8.34
N GLU A 121 -18.50 -27.39 9.08
CA GLU A 121 -18.42 -27.10 10.51
C GLU A 121 -18.14 -25.62 10.77
N GLN A 122 -17.26 -25.00 9.98
CA GLN A 122 -17.06 -23.55 10.13
C GLN A 122 -18.35 -22.78 9.91
N TYR A 123 -19.13 -23.15 8.89
CA TYR A 123 -20.39 -22.43 8.65
C TYR A 123 -21.43 -22.72 9.72
N ARG A 124 -21.47 -23.95 10.23
CA ARG A 124 -22.34 -24.24 11.38
C ARG A 124 -21.99 -23.34 12.56
N ARG A 125 -20.70 -23.11 12.82
CA ARG A 125 -20.30 -22.28 13.96
C ARG A 125 -20.78 -20.84 13.85
N ILE A 126 -21.15 -20.37 12.67
CA ILE A 126 -21.64 -19.00 12.56
C ILE A 126 -23.10 -18.94 12.17
N GLY A 127 -23.87 -20.02 12.38
CA GLY A 127 -25.30 -19.94 12.17
C GLY A 127 -25.83 -20.75 11.01
N GLY A 128 -24.99 -21.48 10.27
CA GLY A 128 -25.46 -22.41 9.26
C GLY A 128 -25.22 -22.03 7.82
N GLY A 129 -24.61 -20.88 7.55
CA GLY A 129 -24.37 -20.49 6.17
C GLY A 129 -23.88 -19.07 6.06
N SER A 130 -23.58 -18.70 4.82
CA SER A 130 -23.05 -17.38 4.50
C SER A 130 -24.17 -16.34 4.46
N PRO A 131 -23.95 -15.15 5.02
CA PRO A 131 -24.92 -14.06 4.91
C PRO A 131 -24.74 -13.15 3.70
N ILE A 132 -23.84 -13.48 2.77
CA ILE A 132 -23.48 -12.52 1.71
C ILE A 132 -24.71 -12.17 0.86
N LYS A 133 -25.50 -13.19 0.48
CA LYS A 133 -26.64 -12.91 -0.38
C LYS A 133 -27.65 -11.96 0.26
N ILE A 134 -27.92 -12.15 1.54
CA ILE A 134 -28.83 -11.26 2.25
C ILE A 134 -28.34 -9.81 2.19
N TRP A 135 -27.06 -9.59 2.52
CA TRP A 135 -26.54 -8.23 2.52
C TRP A 135 -26.45 -7.66 1.11
N THR A 136 -25.98 -8.47 0.15
CA THR A 136 -25.90 -8.00 -1.23
C THR A 136 -27.26 -7.56 -1.77
N SER A 137 -28.31 -8.32 -1.43
CA SER A 137 -29.67 -8.00 -1.89
C SER A 137 -30.17 -6.72 -1.23
N LYS A 138 -29.98 -6.59 0.09
CA LYS A 138 -30.32 -5.36 0.79
C LYS A 138 -29.61 -4.16 0.18
N GLN A 139 -28.29 -4.27 -0.02
CA GLN A 139 -27.53 -3.18 -0.61
C GLN A 139 -27.99 -2.88 -2.03
N GLY A 140 -28.24 -3.92 -2.82
CA GLY A 140 -28.69 -3.71 -4.19
C GLY A 140 -30.03 -3.00 -4.24
N GLU A 141 -30.97 -3.42 -3.39
CA GLU A 141 -32.30 -2.79 -3.35
C GLU A 141 -32.19 -1.30 -3.05
N GLY A 142 -31.42 -0.94 -2.03
CA GLY A 142 -31.26 0.48 -1.71
C GLY A 142 -30.60 1.25 -2.82
N MET A 143 -29.61 0.64 -3.47
CA MET A 143 -28.94 1.28 -4.60
C MET A 143 -29.94 1.59 -5.71
N VAL A 144 -30.81 0.63 -6.03
CA VAL A 144 -31.78 0.81 -7.11
C VAL A 144 -32.76 1.93 -6.78
N LYS A 145 -33.25 1.98 -5.54
CA LYS A 145 -34.20 3.03 -5.17
C LYS A 145 -33.60 4.42 -5.36
N LEU A 146 -32.34 4.60 -4.94
CA LEU A 146 -31.69 5.89 -5.14
C LEU A 146 -31.42 6.14 -6.61
N LEU A 147 -30.98 5.12 -7.34
CA LEU A 147 -30.61 5.33 -8.74
C LEU A 147 -31.81 5.74 -9.58
N ASP A 148 -32.99 5.21 -9.28
CA ASP A 148 -34.18 5.58 -10.06
C ASP A 148 -34.49 7.07 -9.89
N GLU A 149 -34.19 7.63 -8.73
CA GLU A 149 -34.40 9.06 -8.50
C GLU A 149 -33.19 9.89 -8.88
N LEU A 150 -31.97 9.34 -8.76
CA LEU A 150 -30.77 10.09 -9.14
C LEU A 150 -30.66 10.27 -10.65
N SER A 151 -31.08 9.26 -11.41
CA SER A 151 -30.77 9.19 -12.84
C SER A 151 -32.00 8.71 -13.59
N PRO A 152 -33.04 9.55 -13.70
CA PRO A 152 -34.28 9.11 -14.38
C PRO A 152 -34.06 8.70 -15.83
N ASN A 153 -33.07 9.28 -16.53
CA ASN A 153 -32.80 8.95 -17.92
C ASN A 153 -32.36 7.51 -18.12
N THR A 154 -31.87 6.84 -17.08
CA THR A 154 -31.44 5.46 -17.20
C THR A 154 -32.34 4.52 -16.44
N ALA A 155 -33.39 5.04 -15.80
CA ALA A 155 -34.38 4.27 -15.06
C ALA A 155 -35.34 3.59 -16.05
N PRO A 156 -35.95 2.46 -15.66
CA PRO A 156 -35.79 1.79 -14.36
C PRO A 156 -34.46 1.02 -14.27
N HIS A 157 -33.86 1.04 -13.09
CA HIS A 157 -32.63 0.30 -12.81
C HIS A 157 -33.01 -1.02 -12.15
N LYS A 158 -32.21 -2.05 -12.39
CA LYS A 158 -32.43 -3.34 -11.76
C LYS A 158 -31.09 -3.95 -11.38
N TYR A 159 -30.97 -4.46 -10.16
CA TYR A 159 -29.74 -5.11 -9.76
C TYR A 159 -29.83 -6.61 -10.00
N TYR A 160 -28.69 -7.20 -10.32
CA TYR A 160 -28.53 -8.63 -10.47
C TYR A 160 -27.33 -9.04 -9.63
N ILE A 161 -27.40 -10.24 -9.07
CA ILE A 161 -26.30 -10.77 -8.27
C ILE A 161 -25.58 -11.80 -9.12
N GLY A 162 -24.28 -11.63 -9.28
CA GLY A 162 -23.46 -12.57 -10.01
C GLY A 162 -22.37 -13.08 -9.11
N PHE A 163 -22.63 -14.20 -8.44
CA PHE A 163 -21.65 -14.82 -7.57
C PHE A 163 -20.73 -15.71 -8.38
N ARG A 164 -19.48 -15.75 -7.98
CA ARG A 164 -18.52 -16.54 -8.74
C ARG A 164 -18.70 -18.04 -8.51
N TYR A 165 -18.96 -18.46 -7.26
CA TYR A 165 -18.89 -19.88 -6.86
C TYR A 165 -20.18 -20.48 -6.30
N VAL A 166 -21.29 -19.74 -6.25
CA VAL A 166 -22.58 -20.28 -5.81
C VAL A 166 -23.66 -19.61 -6.63
N HIS A 167 -24.89 -20.15 -6.54
CA HIS A 167 -26.04 -19.58 -7.23
C HIS A 167 -26.51 -18.33 -6.50
N PRO A 168 -26.97 -17.30 -7.22
CA PRO A 168 -26.95 -17.18 -8.69
C PRO A 168 -25.55 -16.95 -9.23
N LEU A 169 -25.12 -17.79 -10.16
CA LEU A 169 -23.79 -17.66 -10.73
C LEU A 169 -23.72 -16.46 -11.67
N THR A 170 -22.50 -15.96 -11.87
CA THR A 170 -22.28 -14.89 -12.83
C THR A 170 -22.97 -15.19 -14.15
N GLU A 171 -22.80 -16.43 -14.64
CA GLU A 171 -23.36 -16.82 -15.93
C GLU A 171 -24.88 -16.80 -15.93
N GLU A 172 -25.51 -17.23 -14.82
CA GLU A 172 -26.98 -17.18 -14.74
C GLU A 172 -27.51 -15.76 -14.72
N ALA A 173 -26.79 -14.85 -14.06
CA ALA A 173 -27.22 -13.45 -14.05
C ALA A 173 -27.14 -12.85 -15.46
N ILE A 174 -26.08 -13.15 -16.19
CA ILE A 174 -25.96 -12.59 -17.54
C ILE A 174 -27.14 -13.07 -18.40
N GLU A 175 -27.51 -14.34 -18.27
CA GLU A 175 -28.64 -14.85 -19.04
C GLU A 175 -29.93 -14.10 -18.71
N GLU A 176 -30.21 -13.87 -17.42
CA GLU A 176 -31.42 -13.14 -17.08
C GLU A 176 -31.36 -11.70 -17.57
N MET A 177 -30.18 -11.07 -17.49
CA MET A 177 -30.05 -9.70 -17.99
C MET A 177 -30.36 -9.63 -19.48
N GLU A 178 -29.81 -10.55 -20.28
CA GLU A 178 -30.07 -10.56 -21.71
C GLU A 178 -31.55 -10.75 -21.97
N ARG A 179 -32.14 -11.71 -21.28
CA ARG A 179 -33.57 -11.99 -21.38
C ARG A 179 -34.39 -10.81 -20.98
N ASP A 180 -33.97 -10.03 -19.99
CA ASP A 180 -34.75 -8.85 -19.64
C ASP A 180 -34.69 -7.75 -20.70
N GLY A 181 -33.84 -7.88 -21.72
CA GLY A 181 -33.79 -6.89 -22.78
C GLY A 181 -33.23 -5.54 -22.37
N LEU A 182 -32.27 -5.52 -21.45
CA LEU A 182 -31.69 -4.25 -20.99
C LEU A 182 -30.96 -3.54 -22.13
N GLU A 183 -30.95 -2.21 -22.07
CA GLU A 183 -30.11 -1.40 -22.95
C GLU A 183 -28.66 -1.35 -22.47
N ARG A 184 -28.45 -1.32 -21.16
CA ARG A 184 -27.14 -1.04 -20.59
C ARG A 184 -26.87 -2.02 -19.47
N ALA A 185 -25.63 -2.54 -19.44
CA ALA A 185 -25.19 -3.50 -18.42
C ALA A 185 -23.91 -3.00 -17.79
N ILE A 186 -23.88 -2.94 -16.46
CA ILE A 186 -22.72 -2.47 -15.69
C ILE A 186 -22.25 -3.59 -14.79
N ALA A 187 -21.04 -4.09 -15.05
CA ALA A 187 -20.37 -5.06 -14.20
C ALA A 187 -19.75 -4.31 -13.02
N PHE A 188 -20.39 -4.40 -11.86
CA PHE A 188 -20.06 -3.60 -10.68
C PHE A 188 -19.44 -4.54 -9.66
N THR A 189 -18.11 -4.62 -9.62
CA THR A 189 -17.47 -5.46 -8.61
C THR A 189 -17.77 -4.94 -7.21
N GLN A 190 -17.99 -5.86 -6.28
CA GLN A 190 -18.21 -5.48 -4.90
C GLN A 190 -16.94 -5.54 -4.07
N TYR A 191 -15.77 -5.80 -4.71
CA TYR A 191 -14.48 -5.61 -4.06
C TYR A 191 -13.99 -4.21 -4.38
N PRO A 192 -13.84 -3.32 -3.38
CA PRO A 192 -13.34 -1.98 -3.69
C PRO A 192 -11.93 -1.98 -4.24
N GLN A 193 -11.10 -2.93 -3.82
CA GLN A 193 -9.71 -3.00 -4.21
C GLN A 193 -9.50 -4.14 -5.21
N TYR A 194 -8.90 -3.81 -6.37
CA TYR A 194 -8.85 -4.78 -7.44
C TYR A 194 -7.80 -5.85 -7.17
N SER A 195 -8.19 -7.11 -7.33
CA SER A 195 -7.19 -8.16 -7.44
C SER A 195 -7.53 -9.00 -8.66
N CYS A 196 -6.52 -9.46 -9.39
CA CYS A 196 -6.82 -10.41 -10.47
C CYS A 196 -7.49 -11.68 -9.94
N SER A 197 -7.31 -12.01 -8.67
CA SER A 197 -7.93 -13.21 -8.12
CA SER A 197 -7.93 -13.21 -8.10
C SER A 197 -9.40 -13.01 -7.75
N THR A 198 -9.89 -11.77 -7.70
CA THR A 198 -11.28 -11.55 -7.31
C THR A 198 -12.03 -10.88 -8.46
N THR A 199 -11.95 -9.55 -8.55
CA THR A 199 -12.60 -8.84 -9.65
C THR A 199 -12.13 -9.36 -11.01
N GLY A 200 -10.84 -9.59 -11.18
CA GLY A 200 -10.35 -10.10 -12.46
C GLY A 200 -11.04 -11.39 -12.86
N SER A 201 -11.16 -12.34 -11.94
CA SER A 201 -11.79 -13.62 -12.26
C SER A 201 -13.27 -13.42 -12.61
N SER A 202 -13.95 -12.52 -11.89
CA SER A 202 -15.36 -12.24 -12.20
C SER A 202 -15.52 -11.60 -13.57
N LEU A 203 -14.63 -10.67 -13.91
CA LEU A 203 -14.74 -10.03 -15.21
C LEU A 203 -14.43 -11.04 -16.31
N ASN A 204 -13.45 -11.91 -16.08
CA ASN A 204 -13.11 -12.95 -17.03
C ASN A 204 -14.30 -13.85 -17.32
N ALA A 205 -15.09 -14.17 -16.28
CA ALA A 205 -16.27 -15.02 -16.46
C ALA A 205 -17.30 -14.37 -17.38
N ILE A 206 -17.42 -13.05 -17.34
CA ILE A 206 -18.33 -12.37 -18.25
C ILE A 206 -17.84 -12.48 -19.69
N TYR A 207 -16.54 -12.22 -19.92
CA TYR A 207 -15.99 -12.37 -21.27
C TYR A 207 -16.14 -13.81 -21.76
N ARG A 208 -15.77 -14.78 -20.92
CA ARG A 208 -15.86 -16.18 -21.32
C ARG A 208 -17.31 -16.60 -21.58
N TYR A 209 -18.27 -16.06 -20.84
CA TYR A 209 -19.66 -16.41 -21.08
C TYR A 209 -20.03 -16.16 -22.53
N TYR A 210 -19.75 -14.96 -23.03
CA TYR A 210 -20.10 -14.62 -24.40
C TYR A 210 -19.22 -15.39 -25.37
N ASN A 211 -17.98 -15.66 -25.00
CA ASN A 211 -17.11 -16.40 -25.89
C ASN A 211 -17.62 -17.84 -26.07
N GLN A 212 -17.87 -18.55 -24.97
CA GLN A 212 -18.28 -19.94 -25.05
C GLN A 212 -19.68 -20.08 -25.66
N VAL A 213 -20.62 -19.20 -25.32
CA VAL A 213 -21.94 -19.27 -25.95
C VAL A 213 -21.85 -18.89 -27.42
N GLY A 214 -20.80 -18.17 -27.82
CA GLY A 214 -20.53 -17.91 -29.22
C GLY A 214 -21.32 -16.80 -29.86
N ARG A 215 -21.79 -15.83 -29.09
CA ARG A 215 -22.55 -14.71 -29.65
C ARG A 215 -22.12 -13.42 -28.96
N LYS A 216 -22.52 -12.30 -29.55
CA LYS A 216 -22.16 -11.02 -28.97
C LYS A 216 -23.30 -10.53 -28.08
N PRO A 217 -23.03 -9.64 -27.13
CA PRO A 217 -24.11 -9.21 -26.21
C PRO A 217 -25.15 -8.35 -26.91
N THR A 218 -26.35 -8.35 -26.34
CA THR A 218 -27.45 -7.52 -26.83
C THR A 218 -27.62 -6.26 -26.00
N MET A 219 -26.70 -5.98 -25.07
CA MET A 219 -26.73 -4.79 -24.23
C MET A 219 -25.32 -4.17 -24.22
N LYS A 220 -25.25 -2.87 -24.01
CA LYS A 220 -23.96 -2.18 -23.95
C LYS A 220 -23.35 -2.39 -22.58
N TRP A 221 -22.14 -2.96 -22.53
CA TRP A 221 -21.45 -3.29 -21.28
C TRP A 221 -20.42 -2.24 -20.89
N SER A 222 -20.15 -2.17 -19.59
CA SER A 222 -19.08 -1.35 -19.02
C SER A 222 -18.81 -1.93 -17.63
N THR A 223 -17.71 -1.51 -17.01
CA THR A 223 -17.43 -2.01 -15.68
C THR A 223 -16.97 -0.91 -14.75
N ILE A 224 -17.43 -0.98 -13.50
CA ILE A 224 -16.82 -0.29 -12.37
C ILE A 224 -15.94 -1.34 -11.71
N ASP A 225 -14.65 -1.36 -12.05
CA ASP A 225 -13.79 -2.48 -11.71
C ASP A 225 -13.02 -2.27 -10.40
N ARG A 226 -13.05 -1.08 -9.83
CA ARG A 226 -12.42 -0.84 -8.54
C ARG A 226 -12.89 0.51 -8.03
N TRP A 227 -12.79 0.68 -6.72
CA TRP A 227 -13.19 1.93 -6.10
C TRP A 227 -12.59 2.02 -4.69
N PRO A 228 -11.26 1.92 -4.56
CA PRO A 228 -10.68 1.77 -3.22
C PRO A 228 -10.77 3.03 -2.35
N THR A 229 -10.98 4.21 -2.94
CA THR A 229 -10.95 5.44 -2.16
C THR A 229 -12.21 6.29 -2.32
N HIS A 230 -13.32 5.69 -2.78
CA HIS A 230 -14.56 6.45 -2.93
C HIS A 230 -14.96 7.10 -1.60
N HIS A 231 -15.21 8.42 -1.63
CA HIS A 231 -15.30 9.18 -0.39
C HIS A 231 -16.40 8.67 0.53
N LEU A 232 -17.48 8.11 -0.02
CA LEU A 232 -18.54 7.61 0.84
C LEU A 232 -18.22 6.23 1.40
N LEU A 233 -17.49 5.40 0.65
CA LEU A 233 -16.93 4.18 1.25
C LEU A 233 -16.04 4.53 2.43
N ILE A 234 -15.17 5.52 2.26
CA ILE A 234 -14.26 5.93 3.33
C ILE A 234 -15.04 6.37 4.55
N GLN A 235 -16.05 7.23 4.36
CA GLN A 235 -16.86 7.72 5.47
C GLN A 235 -17.56 6.59 6.21
N CYS A 236 -17.98 5.54 5.51
CA CYS A 236 -18.69 4.44 6.18
C CYS A 236 -17.73 3.66 7.05
N PHE A 237 -16.51 3.43 6.55
CA PHE A 237 -15.51 2.78 7.39
C PHE A 237 -15.20 3.62 8.61
N ALA A 238 -14.98 4.92 8.42
CA ALA A 238 -14.62 5.79 9.55
C ALA A 238 -15.74 5.85 10.58
N ASP A 239 -17.00 5.94 10.12
CA ASP A 239 -18.14 5.96 11.04
C ASP A 239 -18.18 4.71 11.89
N HIS A 240 -17.99 3.54 11.27
CA HIS A 240 -18.06 2.31 12.03
C HIS A 240 -16.87 2.16 12.97
N ILE A 241 -15.72 2.73 12.60
CA ILE A 241 -14.57 2.71 13.51
C ILE A 241 -14.85 3.56 14.73
N LEU A 242 -15.31 4.80 14.52
CA LEU A 242 -15.61 5.68 15.64
C LEU A 242 -16.67 5.08 16.55
N LYS A 243 -17.73 4.55 15.95
CA LYS A 243 -18.78 3.87 16.72
C LYS A 243 -18.19 2.76 17.58
N GLU A 244 -17.24 1.99 17.03
CA GLU A 244 -16.68 0.90 17.83
C GLU A 244 -15.67 1.44 18.86
N LEU A 245 -14.97 2.52 18.55
CA LEU A 245 -14.08 3.11 19.53
C LEU A 245 -14.85 3.51 20.79
N ASP A 246 -16.09 3.98 20.63
CA ASP A 246 -16.90 4.38 21.78
C ASP A 246 -17.27 3.22 22.67
N HIS A 247 -17.18 1.99 22.19
CA HIS A 247 -17.51 0.82 23.00
C HIS A 247 -16.32 0.32 23.82
N PHE A 248 -15.16 0.90 23.66
CA PHE A 248 -14.08 0.60 24.58
C PHE A 248 -14.27 1.39 25.87
N PRO A 249 -13.70 0.91 26.98
CA PRO A 249 -13.62 1.76 28.18
C PRO A 249 -12.98 3.10 27.85
N LEU A 250 -13.62 4.17 28.32
CA LEU A 250 -13.14 5.53 28.06
C LEU A 250 -11.66 5.69 28.41
N GLU A 251 -11.21 5.04 29.50
CA GLU A 251 -9.83 5.15 29.94
C GLU A 251 -8.85 4.43 29.02
N LYS A 252 -9.34 3.61 28.08
CA LYS A 252 -8.48 2.90 27.15
C LYS A 252 -8.62 3.38 25.71
N ARG A 253 -9.50 4.34 25.46
CA ARG A 253 -9.79 4.77 24.09
C ARG A 253 -8.54 5.17 23.33
N SER A 254 -7.71 6.01 23.95
CA SER A 254 -6.54 6.51 23.26
C SER A 254 -5.48 5.44 23.06
N GLU A 255 -5.53 4.39 23.87
CA GLU A 255 -4.60 3.28 23.83
C GLU A 255 -4.94 2.23 22.77
N VAL A 256 -6.10 2.34 22.10
CA VAL A 256 -6.55 1.29 21.19
C VAL A 256 -5.68 1.30 19.93
N VAL A 257 -5.22 0.12 19.51
CA VAL A 257 -4.51 -0.05 18.24
C VAL A 257 -5.50 -0.54 17.18
N ILE A 258 -5.52 0.13 16.04
CA ILE A 258 -6.44 -0.25 14.96
C ILE A 258 -5.69 -1.18 14.01
N LEU A 259 -6.16 -2.42 13.89
CA LEU A 259 -5.59 -3.37 12.94
C LEU A 259 -6.55 -3.47 11.77
N PHE A 260 -6.19 -2.85 10.66
CA PHE A 260 -6.93 -3.09 9.42
C PHE A 260 -6.55 -4.48 8.91
N SER A 261 -7.54 -5.30 8.62
CA SER A 261 -7.31 -6.67 8.21
C SER A 261 -7.93 -6.92 6.84
N ALA A 262 -7.12 -7.45 5.93
CA ALA A 262 -7.54 -7.72 4.56
C ALA A 262 -7.11 -9.13 4.18
N HIS A 263 -7.88 -9.75 3.31
CA HIS A 263 -7.51 -11.08 2.83
C HIS A 263 -6.12 -11.02 2.20
N SER A 264 -5.27 -11.98 2.55
CA SER A 264 -3.92 -11.99 2.01
C SER A 264 -3.91 -12.50 0.57
N LEU A 265 -2.73 -12.49 -0.04
CA LEU A 265 -2.48 -13.08 -1.35
C LEU A 265 -1.21 -13.91 -1.28
N PRO A 266 -1.12 -14.98 -2.07
CA PRO A 266 0.17 -15.64 -2.25
C PRO A 266 1.19 -14.67 -2.83
N MET A 267 2.45 -14.84 -2.43
CA MET A 267 3.50 -13.96 -2.96
C MET A 267 3.67 -14.13 -4.45
N SER A 268 3.39 -15.32 -4.99
CA SER A 268 3.49 -15.50 -6.44
C SER A 268 2.54 -14.55 -7.18
N VAL A 269 1.38 -14.27 -6.58
CA VAL A 269 0.45 -13.32 -7.17
C VAL A 269 0.91 -11.89 -6.94
N VAL A 270 1.31 -11.57 -5.70
CA VAL A 270 1.88 -10.26 -5.41
C VAL A 270 3.03 -9.95 -6.35
N ASN A 271 3.97 -10.89 -6.47
CA ASN A 271 5.19 -10.66 -7.24
C ASN A 271 4.95 -10.61 -8.75
N ARG A 272 3.78 -11.01 -9.25
CA ARG A 272 3.54 -10.84 -10.69
C ARG A 272 2.93 -9.48 -10.99
N GLY A 273 2.62 -8.69 -9.98
CA GLY A 273 2.18 -7.32 -10.15
C GLY A 273 0.74 -7.01 -9.78
N ASP A 274 0.10 -7.86 -8.99
CA ASP A 274 -1.30 -7.67 -8.61
C ASP A 274 -1.46 -6.32 -7.91
N PRO A 275 -2.44 -5.49 -8.32
CA PRO A 275 -2.62 -4.16 -7.72
C PRO A 275 -3.27 -4.17 -6.34
N TYR A 276 -3.70 -5.32 -5.85
CA TYR A 276 -4.50 -5.36 -4.62
C TYR A 276 -3.82 -4.72 -3.42
N PRO A 277 -2.61 -5.12 -3.01
CA PRO A 277 -2.05 -4.56 -1.77
C PRO A 277 -1.88 -3.05 -1.79
N GLN A 278 -1.48 -2.49 -2.94
CA GLN A 278 -1.34 -1.04 -3.02
C GLN A 278 -2.70 -0.35 -2.89
N GLU A 279 -3.76 -0.94 -3.47
CA GLU A 279 -5.08 -0.32 -3.38
C GLU A 279 -5.66 -0.44 -1.97
N VAL A 280 -5.47 -1.60 -1.30
CA VAL A 280 -5.91 -1.74 0.09
C VAL A 280 -5.21 -0.69 0.96
N SER A 281 -3.90 -0.53 0.75
CA SER A 281 -3.14 0.48 1.48
C SER A 281 -3.74 1.86 1.31
N ALA A 282 -4.20 2.17 0.08
CA ALA A 282 -4.82 3.46 -0.17
C ALA A 282 -6.10 3.63 0.62
N THR A 283 -6.96 2.60 0.66
CA THR A 283 -8.16 2.68 1.49
C THR A 283 -7.78 2.95 2.95
N VAL A 284 -6.76 2.26 3.45
CA VAL A 284 -6.36 2.45 4.84
C VAL A 284 -5.95 3.89 5.10
N GLN A 285 -5.14 4.46 4.20
CA GLN A 285 -4.67 5.83 4.40
C GLN A 285 -5.83 6.83 4.38
N LYS A 286 -6.79 6.65 3.47
CA LYS A 286 -7.92 7.59 3.41
C LYS A 286 -8.78 7.53 4.66
N VAL A 287 -9.05 6.32 5.17
CA VAL A 287 -9.81 6.18 6.42
C VAL A 287 -9.07 6.89 7.56
N MET A 288 -7.77 6.66 7.69
CA MET A 288 -7.03 7.26 8.80
C MET A 288 -6.87 8.77 8.64
N GLU A 289 -6.78 9.27 7.41
CA GLU A 289 -6.84 10.72 7.19
C GLU A 289 -8.15 11.29 7.70
N ARG A 290 -9.27 10.62 7.39
CA ARG A 290 -10.57 11.08 7.87
C ARG A 290 -10.66 11.01 9.39
N LEU A 291 -10.03 10.02 10.01
CA LEU A 291 -10.04 9.89 11.46
C LEU A 291 -8.99 10.81 12.11
N GLU A 292 -8.27 11.59 11.31
CA GLU A 292 -7.22 12.51 11.79
C GLU A 292 -6.16 11.77 12.61
N TYR A 293 -5.84 10.53 12.20
CA TYR A 293 -4.81 9.73 12.85
C TYR A 293 -5.00 9.68 14.36
N CYS A 294 -6.26 9.56 14.78
CA CYS A 294 -6.64 9.54 16.19
C CYS A 294 -5.98 8.40 16.96
N ASN A 295 -5.69 7.28 16.31
CA ASN A 295 -5.10 6.11 16.94
C ASN A 295 -4.00 5.56 16.05
N PRO A 296 -3.05 4.82 16.62
CA PRO A 296 -2.05 4.14 15.77
C PRO A 296 -2.65 2.95 15.04
N TYR A 297 -2.07 2.59 13.90
CA TYR A 297 -2.67 1.54 13.11
C TYR A 297 -1.60 0.73 12.39
N ARG A 298 -1.99 -0.48 11.98
CA ARG A 298 -1.20 -1.28 11.05
C ARG A 298 -2.18 -1.95 10.10
N LEU A 299 -1.69 -2.26 8.90
CA LEU A 299 -2.40 -3.08 7.93
C LEU A 299 -1.79 -4.48 7.94
N VAL A 300 -2.62 -5.49 8.21
CA VAL A 300 -2.19 -6.88 8.32
C VAL A 300 -3.14 -7.74 7.49
N TRP A 301 -2.76 -9.00 7.30
CA TRP A 301 -3.36 -9.83 6.25
C TRP A 301 -3.82 -11.19 6.80
N GLN A 302 -5.03 -11.60 6.43
CA GLN A 302 -5.64 -12.81 6.99
C GLN A 302 -5.92 -13.85 5.91
N SER A 303 -6.35 -15.02 6.39
CA SER A 303 -6.96 -16.08 5.58
C SER A 303 -5.96 -16.85 4.72
N LYS A 304 -4.65 -16.76 5.01
CA LYS A 304 -3.67 -17.61 4.33
C LYS A 304 -4.06 -19.08 4.44
N VAL A 305 -3.91 -19.81 3.33
CA VAL A 305 -4.07 -21.26 3.31
C VAL A 305 -2.93 -21.88 2.52
N GLY A 306 -2.51 -23.07 2.95
CA GLY A 306 -1.48 -23.80 2.25
C GLY A 306 -0.10 -23.54 2.80
N PRO A 307 0.90 -24.18 2.20
CA PRO A 307 2.29 -24.05 2.69
C PRO A 307 3.16 -23.05 1.93
N MET A 308 2.65 -22.43 0.86
CA MET A 308 3.43 -21.48 0.08
C MET A 308 3.50 -20.14 0.81
N PRO A 309 4.43 -19.26 0.42
CA PRO A 309 4.51 -17.95 1.08
C PRO A 309 3.38 -17.03 0.66
N TRP A 310 2.81 -16.34 1.64
CA TRP A 310 1.76 -15.34 1.45
C TRP A 310 2.22 -14.00 2.00
N LEU A 311 1.56 -12.93 1.57
CA LEU A 311 1.88 -11.61 2.08
C LEU A 311 1.49 -11.50 3.55
N GLY A 312 2.45 -11.12 4.39
CA GLY A 312 2.22 -10.90 5.81
C GLY A 312 2.44 -9.44 6.19
N PRO A 313 2.42 -9.11 7.50
CA PRO A 313 2.26 -10.02 8.64
C PRO A 313 0.86 -10.60 8.72
N GLN A 314 0.73 -11.76 9.33
CA GLN A 314 -0.58 -12.38 9.47
C GLN A 314 -1.36 -11.69 10.58
N THR A 315 -2.67 -11.57 10.37
CA THR A 315 -3.51 -10.94 11.36
C THR A 315 -3.43 -11.65 12.71
N ASP A 316 -3.36 -12.99 12.70
CA ASP A 316 -3.37 -13.72 13.96
C ASP A 316 -2.04 -13.55 14.70
N GLU A 317 -0.92 -13.72 13.99
CA GLU A 317 0.38 -13.46 14.61
C GLU A 317 0.50 -12.01 15.05
N SER A 318 -0.15 -11.09 14.33
CA SER A 318 -0.08 -9.68 14.71
C SER A 318 -0.82 -9.41 16.02
N ILE A 319 -2.02 -9.99 16.18
CA ILE A 319 -2.74 -9.84 17.45
C ILE A 319 -1.94 -10.42 18.59
N LYS A 320 -1.47 -11.66 18.42
CA LYS A 320 -0.61 -12.31 19.42
C LYS A 320 0.59 -11.45 19.78
N GLY A 321 1.29 -10.95 18.76
CA GLY A 321 2.51 -10.19 19.00
C GLY A 321 2.28 -8.89 19.75
N LEU A 322 1.25 -8.14 19.35
CA LEU A 322 0.89 -6.92 20.06
C LEU A 322 0.56 -7.21 21.51
N CYS A 323 -0.24 -8.25 21.74
CA CYS A 323 -0.64 -8.59 23.10
C CYS A 323 0.56 -8.91 23.97
N GLU A 324 1.46 -9.76 23.48
CA GLU A 324 2.66 -10.10 24.23
C GLU A 324 3.54 -8.88 24.47
N ARG A 325 3.44 -7.84 23.64
CA ARG A 325 4.23 -6.63 23.81
C ARG A 325 3.46 -5.53 24.54
N GLY A 326 2.39 -5.88 25.24
CA GLY A 326 1.70 -4.96 26.12
C GLY A 326 0.62 -4.10 25.47
N ARG A 327 0.31 -4.31 24.20
CA ARG A 327 -0.76 -3.57 23.54
C ARG A 327 -2.00 -4.47 23.62
N LYS A 328 -2.81 -4.23 24.65
CA LYS A 328 -3.89 -5.15 25.02
C LYS A 328 -5.27 -4.64 24.65
N ASN A 329 -5.35 -3.57 23.89
CA ASN A 329 -6.61 -3.01 23.42
C ASN A 329 -6.55 -2.85 21.91
N ILE A 330 -7.32 -3.65 21.20
CA ILE A 330 -7.15 -3.85 19.76
C ILE A 330 -8.50 -3.71 19.08
N LEU A 331 -8.55 -2.94 17.99
CA LEU A 331 -9.73 -2.81 17.16
C LEU A 331 -9.44 -3.39 15.78
N LEU A 332 -10.17 -4.45 15.42
CA LEU A 332 -10.05 -5.07 14.10
C LEU A 332 -10.93 -4.34 13.09
N VAL A 333 -10.38 -4.04 11.92
CA VAL A 333 -11.18 -3.40 10.87
C VAL A 333 -11.07 -4.19 9.56
N PRO A 334 -12.09 -4.97 9.24
CA PRO A 334 -12.15 -5.61 7.92
C PRO A 334 -12.25 -4.55 6.83
N ILE A 335 -11.19 -4.38 6.06
CA ILE A 335 -11.07 -3.23 5.17
C ILE A 335 -11.29 -3.60 3.71
N ALA A 336 -11.42 -4.87 3.39
CA ALA A 336 -11.45 -5.30 2.00
C ALA A 336 -12.76 -5.98 1.62
N PHE A 337 -13.77 -5.90 2.46
CA PHE A 337 -15.07 -6.42 2.11
C PHE A 337 -16.15 -5.53 2.70
N THR A 338 -17.36 -5.66 2.20
CA THR A 338 -18.41 -4.73 2.57
C THR A 338 -19.55 -5.38 3.36
N SER A 339 -19.48 -6.67 3.65
CA SER A 339 -20.49 -7.29 4.49
C SER A 339 -19.82 -8.38 5.33
N ASP A 340 -20.54 -8.88 6.33
CA ASP A 340 -20.05 -10.02 7.06
C ASP A 340 -20.00 -11.23 6.15
N HIS A 341 -19.09 -12.14 6.46
CA HIS A 341 -18.95 -13.41 5.75
C HIS A 341 -18.04 -14.25 6.63
N ILE A 342 -17.65 -15.43 6.12
CA ILE A 342 -16.87 -16.37 6.92
C ILE A 342 -15.60 -15.72 7.50
N GLU A 343 -15.01 -14.75 6.77
CA GLU A 343 -13.77 -14.16 7.25
C GLU A 343 -13.97 -13.31 8.51
N THR A 344 -15.13 -12.65 8.64
CA THR A 344 -15.36 -11.86 9.84
C THR A 344 -16.02 -12.66 10.94
N LEU A 345 -17.10 -13.38 10.62
CA LEU A 345 -17.88 -14.08 11.63
C LEU A 345 -17.16 -15.31 12.16
N TYR A 346 -16.37 -16.01 11.34
CA TYR A 346 -15.62 -17.15 11.84
C TYR A 346 -14.16 -16.82 12.12
N GLU A 347 -13.41 -16.43 11.09
CA GLU A 347 -11.97 -16.30 11.26
C GLU A 347 -11.62 -15.25 12.30
N LEU A 348 -12.17 -14.04 12.17
CA LEU A 348 -11.84 -12.98 13.13
C LEU A 348 -12.55 -13.18 14.46
N ASP A 349 -13.88 -13.34 14.42
CA ASP A 349 -14.67 -13.29 15.66
C ASP A 349 -14.48 -14.53 16.52
N ILE A 350 -14.28 -15.69 15.92
CA ILE A 350 -14.22 -16.95 16.66
C ILE A 350 -12.76 -17.40 16.80
N GLU A 351 -12.08 -17.62 15.67
CA GLU A 351 -10.70 -18.09 15.72
C GLU A 351 -9.78 -17.10 16.42
N TYR A 352 -9.86 -15.81 16.09
CA TYR A 352 -8.91 -14.83 16.63
C TYR A 352 -9.41 -14.08 17.86
N SER A 353 -10.62 -13.49 17.80
CA SER A 353 -11.08 -12.65 18.89
C SER A 353 -11.44 -13.48 20.13
N GLN A 354 -12.06 -14.63 19.94
CA GLN A 354 -12.46 -15.44 21.08
C GLN A 354 -11.32 -16.37 21.53
N VAL A 355 -10.85 -17.23 20.64
CA VAL A 355 -9.81 -18.16 21.02
C VAL A 355 -8.44 -17.54 21.25
N LEU A 356 -7.79 -17.12 20.17
CA LEU A 356 -6.46 -16.52 20.23
C LEU A 356 -6.33 -15.42 21.29
N ALA A 357 -7.28 -14.51 21.31
CA ALA A 357 -7.27 -13.39 22.26
C ALA A 357 -7.32 -13.83 23.72
N LYS A 358 -8.04 -14.92 24.00
CA LYS A 358 -8.16 -15.42 25.36
C LYS A 358 -6.84 -16.02 25.85
N GLU A 359 -6.16 -16.75 24.99
CA GLU A 359 -4.89 -17.36 25.32
C GLU A 359 -3.83 -16.34 25.69
N CYS A 360 -3.73 -15.26 24.92
CA CYS A 360 -2.70 -14.24 25.15
C CYS A 360 -2.97 -13.22 26.19
N GLY A 361 -4.16 -13.20 26.73
CA GLY A 361 -4.46 -12.28 27.79
C GLY A 361 -4.74 -10.85 27.40
N VAL A 362 -5.49 -10.66 26.34
CA VAL A 362 -5.87 -9.35 25.91
C VAL A 362 -6.89 -8.72 26.85
N GLU A 363 -6.91 -7.42 26.99
CA GLU A 363 -7.89 -6.76 27.83
C GLU A 363 -9.20 -6.53 27.08
N ASN A 364 -9.14 -5.95 25.90
CA ASN A 364 -10.29 -5.72 25.07
C ASN A 364 -9.95 -5.83 23.60
N ILE A 365 -10.66 -6.66 22.86
CA ILE A 365 -10.50 -6.76 21.42
C ILE A 365 -11.88 -6.70 20.81
N ARG A 366 -12.09 -5.73 19.92
CA ARG A 366 -13.37 -5.57 19.26
C ARG A 366 -13.14 -5.52 17.75
N ARG A 367 -14.25 -5.63 17.02
CA ARG A 367 -14.21 -5.56 15.56
C ARG A 367 -15.24 -4.57 15.09
N ALA A 368 -14.82 -3.64 14.23
CA ALA A 368 -15.76 -2.72 13.63
C ALA A 368 -16.87 -3.48 12.91
N GLU A 369 -18.10 -2.98 13.03
CA GLU A 369 -19.22 -3.58 12.33
C GLU A 369 -18.98 -3.52 10.83
N SER A 370 -19.29 -4.62 10.15
CA SER A 370 -19.29 -4.67 8.70
C SER A 370 -20.30 -3.67 8.14
N LEU A 371 -20.08 -3.24 6.89
CA LEU A 371 -20.91 -2.16 6.34
C LEU A 371 -22.36 -2.62 6.15
N ASN A 372 -22.56 -3.86 5.71
CA ASN A 372 -23.87 -4.53 5.75
C ASN A 372 -25.01 -3.63 5.30
N GLY A 373 -25.90 -3.28 6.23
CA GLY A 373 -27.10 -2.55 5.90
C GLY A 373 -27.03 -1.04 6.05
N ASN A 374 -25.86 -0.48 6.30
CA ASN A 374 -25.72 0.96 6.48
C ASN A 374 -26.27 1.71 5.27
N PRO A 375 -27.27 2.58 5.44
CA PRO A 375 -27.84 3.29 4.28
C PRO A 375 -26.86 4.22 3.60
N LEU A 376 -25.82 4.70 4.29
CA LEU A 376 -24.80 5.49 3.64
C LEU A 376 -24.02 4.65 2.63
N PHE A 377 -23.89 3.34 2.89
CA PHE A 377 -23.23 2.47 1.92
C PHE A 377 -24.06 2.34 0.65
N SER A 378 -25.39 2.18 0.79
CA SER A 378 -26.25 2.15 -0.39
CA SER A 378 -26.25 2.15 -0.39
C SER A 378 -26.10 3.43 -1.18
N LYS A 379 -25.98 4.57 -0.48
CA LYS A 379 -25.75 5.83 -1.17
C LYS A 379 -24.42 5.81 -1.91
N ALA A 380 -23.39 5.22 -1.31
CA ALA A 380 -22.09 5.07 -1.98
C ALA A 380 -22.21 4.30 -3.28
N LEU A 381 -22.90 3.16 -3.25
CA LEU A 381 -23.05 2.33 -4.45
C LEU A 381 -23.78 3.11 -5.55
N ALA A 382 -24.88 3.76 -5.19
CA ALA A 382 -25.64 4.51 -6.18
C ALA A 382 -24.83 5.69 -6.71
N ASP A 383 -24.06 6.33 -5.83
CA ASP A 383 -23.19 7.42 -6.28
C ASP A 383 -22.16 6.91 -7.29
N LEU A 384 -21.58 5.74 -7.04
CA LEU A 384 -20.59 5.17 -7.98
C LEU A 384 -21.22 4.88 -9.35
N VAL A 385 -22.39 4.25 -9.35
CA VAL A 385 -23.04 3.93 -10.63
C VAL A 385 -23.42 5.21 -11.35
N HIS A 386 -24.02 6.15 -10.62
CA HIS A 386 -24.44 7.41 -11.23
C HIS A 386 -23.25 8.14 -11.86
N SER A 387 -22.14 8.30 -11.11
CA SER A 387 -20.97 8.98 -11.67
C SER A 387 -20.39 8.20 -12.85
N HIS A 388 -20.41 6.87 -12.75
CA HIS A 388 -19.98 6.02 -13.87
C HIS A 388 -20.83 6.29 -15.10
N ILE A 389 -22.15 6.43 -14.92
CA ILE A 389 -23.04 6.69 -16.04
C ILE A 389 -22.75 8.07 -16.64
N GLN A 390 -22.70 9.10 -15.78
CA GLN A 390 -22.48 10.46 -16.26
C GLN A 390 -21.16 10.60 -17.01
N SER A 391 -20.12 9.87 -16.57
CA SER A 391 -18.79 10.00 -17.12
C SER A 391 -18.60 9.26 -18.44
N ASN A 392 -19.53 8.39 -18.83
CA ASN A 392 -19.42 7.53 -20.01
C ASN A 392 -18.17 6.65 -19.98
N GLU A 393 -17.65 6.37 -18.80
CA GLU A 393 -16.48 5.51 -18.70
C GLU A 393 -16.88 4.07 -18.98
N LEU A 394 -15.99 3.34 -19.65
CA LEU A 394 -16.17 1.91 -19.84
C LEU A 394 -15.54 1.06 -18.74
N CYS A 395 -14.50 1.56 -18.07
CA CYS A 395 -13.66 0.86 -17.09
C CYS A 395 -12.70 1.93 -16.56
N SER A 396 -12.12 1.68 -15.38
CA SER A 396 -10.99 2.49 -14.90
C SER A 396 -9.81 2.49 -15.88
N LYS A 397 -9.05 3.60 -15.84
CA LYS A 397 -7.78 3.65 -16.56
C LYS A 397 -6.86 2.50 -16.13
N GLN A 398 -6.95 2.10 -14.86
CA GLN A 398 -6.09 1.04 -14.36
C GLN A 398 -6.39 -0.29 -15.04
N LEU A 399 -7.62 -0.51 -15.50
CA LEU A 399 -7.90 -1.79 -16.13
C LEU A 399 -7.19 -1.94 -17.48
N THR A 400 -6.85 -0.82 -18.13
CA THR A 400 -6.20 -0.86 -19.44
C THR A 400 -4.76 -1.36 -19.35
N LEU A 401 -4.24 -1.61 -18.16
CA LEU A 401 -2.88 -2.13 -17.97
C LEU A 401 -2.98 -3.49 -17.30
N SER A 402 -2.55 -4.54 -18.01
CA SER A 402 -2.47 -5.85 -17.41
C SER A 402 -1.21 -5.97 -16.55
N CYS A 403 -1.17 -7.01 -15.71
CA CYS A 403 -0.07 -7.16 -14.78
C CYS A 403 1.24 -7.31 -15.57
N PRO A 404 2.33 -6.67 -15.13
CA PRO A 404 3.58 -6.73 -15.91
C PRO A 404 4.05 -8.14 -16.17
N LEU A 405 3.79 -9.08 -15.27
CA LEU A 405 4.20 -10.47 -15.45
C LEU A 405 2.99 -11.39 -15.57
N CYS A 406 1.86 -10.86 -16.05
CA CYS A 406 0.69 -11.67 -16.29
C CYS A 406 1.01 -12.77 -17.28
N VAL A 407 0.60 -14.00 -16.93
CA VAL A 407 0.79 -15.16 -17.79
C VAL A 407 -0.55 -15.71 -18.28
N ASN A 408 -1.64 -14.95 -18.13
CA ASN A 408 -2.97 -15.40 -18.47
C ASN A 408 -3.43 -14.71 -19.75
N PRO A 409 -3.59 -15.43 -20.87
CA PRO A 409 -4.01 -14.77 -22.12
C PRO A 409 -5.41 -14.20 -22.05
N VAL A 410 -6.25 -14.67 -21.12
CA VAL A 410 -7.62 -14.18 -21.07
C VAL A 410 -7.68 -12.73 -20.60
N CYS A 411 -6.70 -12.28 -19.81
CA CYS A 411 -6.84 -10.98 -19.18
C CYS A 411 -6.87 -9.87 -20.22
N ARG A 412 -6.05 -10.00 -21.26
CA ARG A 412 -6.04 -9.02 -22.35
C ARG A 412 -7.37 -9.02 -23.12
N GLU A 413 -7.93 -10.20 -23.36
CA GLU A 413 -9.18 -10.27 -24.11
C GLU A 413 -10.35 -9.72 -23.29
N THR A 414 -10.36 -9.99 -21.98
CA THR A 414 -11.36 -9.41 -21.08
C THR A 414 -11.25 -7.89 -21.05
N LYS A 415 -10.02 -7.39 -20.86
CA LYS A 415 -9.81 -5.95 -20.87
C LYS A 415 -10.31 -5.36 -22.17
N SER A 416 -9.91 -5.96 -23.28
CA SER A 416 -10.31 -5.35 -24.55
C SER A 416 -11.82 -5.58 -24.83
N PHE A 417 -12.46 -6.60 -24.22
CA PHE A 417 -13.93 -6.69 -24.27
C PHE A 417 -14.60 -5.43 -23.71
N PHE A 418 -14.07 -4.88 -22.61
CA PHE A 418 -14.69 -3.69 -22.02
C PHE A 418 -14.28 -2.40 -22.72
N THR A 419 -13.00 -2.27 -23.12
CA THR A 419 -12.57 -1.00 -23.70
C THR A 419 -13.14 -0.78 -25.11
N SER A 420 -13.51 -1.85 -25.81
CA SER A 420 -14.02 -1.78 -27.17
C SER A 420 -15.54 -1.64 -27.26
N GLN A 421 -16.25 -1.64 -26.12
CA GLN A 421 -17.71 -1.64 -26.15
C GLN A 421 -18.25 -0.42 -26.90
N GLN A 422 -19.28 -0.64 -27.71
CA GLN A 422 -20.02 0.48 -28.28
C GLN A 422 -20.65 1.30 -27.16
N LEU A 423 -20.55 2.62 -27.30
CA LEU A 423 -21.16 3.54 -26.34
C LEU A 423 -22.65 3.69 -26.63
N ARG B 65 23.56 36.10 15.31
CA ARG B 65 22.79 35.62 16.46
C ARG B 65 22.96 34.11 16.67
N LYS B 66 22.91 33.69 17.93
CA LYS B 66 23.10 32.30 18.30
C LYS B 66 21.99 31.44 17.70
N PRO B 67 22.32 30.30 17.08
CA PRO B 67 21.26 29.40 16.59
C PRO B 67 20.39 28.87 17.73
N LYS B 68 19.08 28.98 17.53
CA LYS B 68 18.06 28.59 18.51
C LYS B 68 17.45 27.22 18.23
N THR B 69 17.14 26.92 16.96
CA THR B 69 16.45 25.70 16.56
C THR B 69 17.29 24.95 15.53
N GLY B 70 17.61 23.69 15.82
CA GLY B 70 18.37 22.85 14.91
C GLY B 70 17.46 21.82 14.25
N ILE B 71 17.62 21.68 12.95
CA ILE B 71 16.87 20.68 12.18
C ILE B 71 17.87 19.65 11.68
N LEU B 72 17.86 18.47 12.30
CA LEU B 72 18.75 17.38 11.92
C LEU B 72 18.13 16.60 10.78
N MET B 73 18.72 16.71 9.59
CA MET B 73 18.24 16.05 8.38
C MET B 73 18.90 14.68 8.30
N LEU B 74 18.09 13.64 8.40
CA LEU B 74 18.57 12.26 8.50
C LEU B 74 18.43 11.53 7.18
N ASN B 75 19.51 10.90 6.76
CA ASN B 75 19.60 10.18 5.51
C ASN B 75 20.68 9.12 5.70
N MET B 76 20.63 8.03 4.93
CA MET B 76 21.70 7.05 5.09
C MET B 76 23.02 7.58 4.51
N GLY B 77 22.96 8.49 3.54
CA GLY B 77 24.15 9.03 2.94
C GLY B 77 24.71 8.14 1.83
N GLY B 78 25.75 8.65 1.19
CA GLY B 78 26.45 7.91 0.16
C GLY B 78 27.88 8.38 0.09
N PRO B 79 28.80 7.52 -0.37
CA PRO B 79 30.22 7.93 -0.41
C PRO B 79 30.43 9.04 -1.43
N GLU B 80 30.99 10.17 -0.96
CA GLU B 80 31.18 11.32 -1.84
C GLU B 80 32.31 11.11 -2.84
N THR B 81 33.34 10.34 -2.51
CA THR B 81 34.38 9.99 -3.45
C THR B 81 34.58 8.48 -3.46
N LEU B 82 35.27 7.98 -4.48
CA LEU B 82 35.55 6.55 -4.53
C LEU B 82 36.31 6.08 -3.31
N GLY B 83 37.17 6.94 -2.74
CA GLY B 83 37.91 6.60 -1.54
C GLY B 83 37.03 6.40 -0.31
N ASP B 84 35.83 7.00 -0.31
CA ASP B 84 34.90 6.84 0.82
C ASP B 84 34.10 5.54 0.78
N VAL B 85 34.17 4.77 -0.32
CA VAL B 85 33.28 3.62 -0.49
C VAL B 85 33.48 2.59 0.62
N HIS B 86 34.74 2.21 0.89
CA HIS B 86 34.99 1.14 1.86
C HIS B 86 34.38 1.43 3.22
N ASP B 87 34.65 2.61 3.78
CA ASP B 87 34.10 2.92 5.10
C ASP B 87 32.59 2.99 5.07
N PHE B 88 32.02 3.44 3.95
CA PHE B 88 30.58 3.45 3.78
C PHE B 88 30.01 2.04 3.90
N LEU B 89 30.58 1.08 3.18
CA LEU B 89 30.10 -0.30 3.25
C LEU B 89 30.32 -0.89 4.63
N LEU B 90 31.46 -0.58 5.27
CA LEU B 90 31.76 -1.12 6.59
C LEU B 90 30.70 -0.71 7.61
N ARG B 91 30.41 0.59 7.69
CA ARG B 91 29.37 1.06 8.60
C ARG B 91 28.00 0.49 8.23
N LEU B 92 27.76 0.26 6.94
CA LEU B 92 26.47 -0.30 6.51
C LEU B 92 26.28 -1.71 7.04
N PHE B 93 27.24 -2.59 6.80
CA PHE B 93 27.13 -3.97 7.25
C PHE B 93 27.27 -4.11 8.76
N LEU B 94 27.73 -3.09 9.46
CA LEU B 94 27.79 -3.12 10.92
C LEU B 94 26.47 -2.72 11.57
N ASP B 95 25.57 -2.10 10.82
CA ASP B 95 24.30 -1.58 11.34
C ASP B 95 23.36 -2.74 11.62
N ARG B 96 23.21 -3.09 12.91
CA ARG B 96 22.33 -4.19 13.28
C ARG B 96 20.85 -3.87 13.09
N ASP B 97 20.48 -2.59 13.05
CA ASP B 97 19.09 -2.23 12.79
C ASP B 97 18.74 -2.36 11.32
N LEU B 98 19.75 -2.41 10.44
CA LEU B 98 19.54 -2.63 9.02
C LEU B 98 19.66 -4.10 8.66
N MET B 99 20.50 -4.83 9.33
CA MET B 99 20.61 -6.23 9.04
C MET B 99 21.39 -6.87 10.16
N THR B 100 21.08 -8.10 10.47
CA THR B 100 21.74 -8.80 11.54
C THR B 100 22.55 -9.88 10.86
N LEU B 101 23.76 -10.14 11.31
CA LEU B 101 24.58 -11.13 10.67
C LEU B 101 25.31 -11.91 11.67
N PRO B 102 25.75 -13.08 11.24
CA PRO B 102 26.56 -13.94 12.07
C PRO B 102 27.77 -13.13 12.42
N ILE B 103 28.00 -12.97 13.71
CA ILE B 103 29.06 -12.14 14.29
C ILE B 103 29.40 -10.91 13.50
N GLN B 104 28.49 -9.94 13.60
CA GLN B 104 28.56 -8.68 12.88
C GLN B 104 29.93 -8.05 12.90
N ASN B 105 30.52 -7.92 14.07
CA ASN B 105 31.83 -7.27 14.22
C ASN B 105 32.97 -7.79 13.39
N LYS B 106 32.84 -9.02 12.96
CA LYS B 106 33.85 -9.68 12.17
C LYS B 106 33.42 -9.92 10.74
N LEU B 107 32.24 -10.45 10.49
CA LEU B 107 31.85 -10.66 9.10
C LEU B 107 31.69 -9.39 8.22
N ALA B 108 31.35 -8.29 8.84
CA ALA B 108 31.18 -7.05 8.13
C ALA B 108 32.41 -6.58 7.40
N PRO B 109 33.54 -6.50 8.09
CA PRO B 109 34.80 -6.06 7.54
C PRO B 109 35.16 -6.83 6.31
N PHE B 110 34.94 -8.10 6.40
CA PHE B 110 35.25 -8.90 5.21
C PHE B 110 34.38 -8.48 4.04
N ILE B 111 33.07 -8.40 4.24
CA ILE B 111 32.16 -8.05 3.15
C ILE B 111 32.52 -6.69 2.58
N ALA B 112 32.85 -5.73 3.45
CA ALA B 112 33.18 -4.38 3.00
C ALA B 112 34.36 -4.41 2.04
N LYS B 113 35.42 -5.13 2.39
CA LYS B 113 36.59 -5.19 1.50
C LYS B 113 36.28 -5.96 0.23
N ARG B 114 35.47 -7.01 0.33
CA ARG B 114 35.13 -7.81 -0.84
C ARG B 114 34.34 -7.01 -1.86
N LEU B 115 33.43 -6.14 -1.41
CA LEU B 115 32.53 -5.43 -2.31
C LEU B 115 33.03 -4.04 -2.72
N THR B 116 34.06 -3.51 -2.07
CA THR B 116 34.52 -2.16 -2.38
C THR B 116 34.84 -1.95 -3.86
N PRO B 117 35.58 -2.84 -4.54
CA PRO B 117 35.82 -2.61 -5.99
C PRO B 117 34.53 -2.52 -6.80
N LYS B 118 33.60 -3.44 -6.58
CA LYS B 118 32.34 -3.43 -7.32
C LYS B 118 31.59 -2.11 -7.10
N ILE B 119 31.47 -1.69 -5.85
CA ILE B 119 30.71 -0.48 -5.55
C ILE B 119 31.44 0.76 -6.03
N GLN B 120 32.78 0.78 -5.92
CA GLN B 120 33.56 1.88 -6.49
C GLN B 120 33.29 2.02 -7.98
N GLU B 121 33.23 0.89 -8.71
CA GLU B 121 32.95 0.94 -10.14
C GLU B 121 31.57 1.49 -10.43
N GLN B 122 30.56 1.11 -9.63
CA GLN B 122 29.22 1.69 -9.81
C GLN B 122 29.25 3.21 -9.65
N TYR B 123 29.97 3.71 -8.63
CA TYR B 123 30.03 5.16 -8.43
C TYR B 123 30.87 5.83 -9.52
N ARG B 124 31.92 5.17 -9.99
CA ARG B 124 32.65 5.68 -11.16
C ARG B 124 31.70 5.86 -12.35
N ARG B 125 30.77 4.91 -12.56
CA ARG B 125 29.85 5.00 -13.69
C ARG B 125 28.90 6.19 -13.60
N ILE B 126 28.70 6.78 -12.41
CA ILE B 126 27.82 7.93 -12.28
C ILE B 126 28.60 9.20 -11.91
N GLY B 127 29.89 9.23 -12.19
CA GLY B 127 30.64 10.46 -12.06
C GLY B 127 31.63 10.48 -10.91
N GLY B 128 31.73 9.42 -10.10
CA GLY B 128 32.76 9.32 -9.10
C GLY B 128 32.31 9.38 -7.66
N GLY B 129 31.02 9.51 -7.39
CA GLY B 129 30.56 9.58 -6.01
C GLY B 129 29.08 9.92 -5.93
N SER B 130 28.58 9.92 -4.67
CA SER B 130 27.19 10.20 -4.38
C SER B 130 26.90 11.70 -4.40
N PRO B 131 25.80 12.12 -5.00
CA PRO B 131 25.38 13.54 -4.94
C PRO B 131 24.49 13.89 -3.75
N ILE B 132 24.28 12.98 -2.81
CA ILE B 132 23.28 13.18 -1.76
C ILE B 132 23.59 14.43 -0.94
N LYS B 133 24.87 14.59 -0.53
CA LYS B 133 25.20 15.72 0.33
C LYS B 133 24.94 17.04 -0.37
N ILE B 134 25.23 17.13 -1.66
CA ILE B 134 24.98 18.38 -2.40
C ILE B 134 23.50 18.72 -2.36
N TRP B 135 22.64 17.75 -2.70
CA TRP B 135 21.21 18.02 -2.69
C TRP B 135 20.69 18.26 -1.27
N THR B 136 21.12 17.45 -0.32
CA THR B 136 20.68 17.68 1.06
C THR B 136 21.06 19.08 1.53
N SER B 137 22.26 19.55 1.16
CA SER B 137 22.71 20.86 1.61
C SER B 137 21.87 21.97 0.96
N LYS B 138 21.65 21.88 -0.36
CA LYS B 138 20.80 22.83 -1.06
C LYS B 138 19.41 22.88 -0.44
N GLN B 139 18.81 21.70 -0.23
CA GLN B 139 17.48 21.64 0.36
C GLN B 139 17.48 22.20 1.77
N GLY B 140 18.52 21.86 2.56
CA GLY B 140 18.59 22.39 3.91
C GLY B 140 18.71 23.90 3.92
N GLU B 141 19.53 24.44 3.02
CA GLU B 141 19.72 25.89 2.91
C GLU B 141 18.40 26.60 2.61
N GLY B 142 17.67 26.15 1.59
CA GLY B 142 16.39 26.77 1.27
C GLY B 142 15.36 26.65 2.38
N MET B 143 15.35 25.50 3.05
CA MET B 143 14.42 25.29 4.15
C MET B 143 14.64 26.30 5.27
N VAL B 144 15.89 26.50 5.67
CA VAL B 144 16.21 27.39 6.78
C VAL B 144 15.82 28.84 6.45
N LYS B 145 16.09 29.28 5.21
CA LYS B 145 15.73 30.64 4.80
C LYS B 145 14.23 30.89 4.93
N LEU B 146 13.41 29.91 4.55
CA LEU B 146 11.98 30.07 4.71
C LEU B 146 11.59 30.04 6.19
N LEU B 147 12.20 29.14 6.97
CA LEU B 147 11.81 28.99 8.36
C LEU B 147 12.10 30.25 9.17
N ASP B 148 13.19 30.95 8.85
CA ASP B 148 13.51 32.17 9.57
C ASP B 148 12.42 33.22 9.38
N GLU B 149 11.74 33.21 8.24
CA GLU B 149 10.61 34.09 8.01
C GLU B 149 9.27 33.49 8.45
N LEU B 150 9.12 32.16 8.34
CA LEU B 150 7.86 31.50 8.69
C LEU B 150 7.65 31.45 10.19
N SER B 151 8.73 31.28 10.97
CA SER B 151 8.64 30.96 12.39
C SER B 151 9.66 31.80 13.16
N PRO B 152 9.43 33.11 13.25
CA PRO B 152 10.41 33.98 13.93
C PRO B 152 10.63 33.66 15.40
N ASN B 153 9.61 33.14 16.09
CA ASN B 153 9.75 32.82 17.51
C ASN B 153 10.74 31.69 17.76
N THR B 154 11.03 30.87 16.76
CA THR B 154 11.98 29.77 16.91
C THR B 154 13.27 30.01 16.14
N ALA B 155 13.39 31.16 15.47
CA ALA B 155 14.55 31.59 14.71
C ALA B 155 15.65 32.12 15.64
N PRO B 156 16.93 32.06 15.23
CA PRO B 156 17.44 31.54 13.95
C PRO B 156 17.42 30.02 13.86
N HIS B 157 17.12 29.51 12.67
CA HIS B 157 17.14 28.08 12.42
C HIS B 157 18.45 27.68 11.76
N LYS B 158 18.90 26.46 12.04
CA LYS B 158 20.12 25.93 11.43
C LYS B 158 19.91 24.48 11.06
N TYR B 159 20.30 24.08 9.85
CA TYR B 159 20.21 22.69 9.48
C TYR B 159 21.51 21.96 9.78
N TYR B 160 21.38 20.68 10.11
CA TYR B 160 22.52 19.81 10.29
C TYR B 160 22.26 18.54 9.50
N ILE B 161 23.30 17.96 8.92
CA ILE B 161 23.16 16.73 8.17
C ILE B 161 23.66 15.59 9.04
N GLY B 162 22.82 14.58 9.21
CA GLY B 162 23.19 13.40 9.96
C GLY B 162 23.06 12.20 9.06
N PHE B 163 24.15 11.84 8.41
CA PHE B 163 24.15 10.66 7.56
C PHE B 163 24.38 9.43 8.43
N ARG B 164 23.75 8.33 8.05
CA ARG B 164 23.88 7.12 8.85
C ARG B 164 25.25 6.47 8.64
N TYR B 165 25.74 6.41 7.40
CA TYR B 165 26.89 5.57 7.06
C TYR B 165 28.11 6.31 6.52
N VAL B 166 28.09 7.65 6.45
CA VAL B 166 29.22 8.45 5.99
C VAL B 166 29.26 9.74 6.77
N HIS B 167 30.38 10.47 6.64
CA HIS B 167 30.51 11.75 7.33
C HIS B 167 29.72 12.83 6.60
N PRO B 168 29.10 13.77 7.33
CA PRO B 168 29.00 13.81 8.78
C PRO B 168 28.00 12.78 9.30
N LEU B 169 28.45 11.97 10.26
CA LEU B 169 27.60 10.95 10.84
C LEU B 169 26.57 11.55 11.77
N THR B 170 25.47 10.82 11.98
CA THR B 170 24.43 11.25 12.92
C THR B 170 25.05 11.67 14.24
N GLU B 171 25.99 10.88 14.74
CA GLU B 171 26.62 11.18 16.02
C GLU B 171 27.45 12.46 15.96
N GLU B 172 28.15 12.72 14.86
CA GLU B 172 28.91 13.97 14.77
C GLU B 172 28.00 15.17 14.71
N ALA B 173 26.85 15.05 14.03
CA ALA B 173 25.90 16.16 13.96
C ALA B 173 25.32 16.45 15.34
N ILE B 174 25.03 15.43 16.11
CA ILE B 174 24.47 15.65 17.41
C ILE B 174 25.47 16.41 18.26
N GLU B 175 26.73 16.05 18.18
CA GLU B 175 27.74 16.73 18.96
C GLU B 175 27.80 18.20 18.65
N GLU B 176 27.74 18.56 17.38
CA GLU B 176 27.78 19.94 16.94
C GLU B 176 26.54 20.70 17.37
N MET B 177 25.39 20.06 17.32
CA MET B 177 24.17 20.68 17.76
C MET B 177 24.29 21.00 19.22
N GLU B 178 24.75 20.06 20.01
CA GLU B 178 24.94 20.30 21.42
C GLU B 178 25.94 21.42 21.69
N ARG B 179 27.08 21.43 20.98
CA ARG B 179 28.12 22.48 21.08
C ARG B 179 27.62 23.85 20.69
N ASP B 180 26.67 23.91 19.77
CA ASP B 180 26.05 25.14 19.33
C ASP B 180 25.06 25.72 20.38
N GLY B 181 24.67 24.96 21.38
CA GLY B 181 23.80 25.47 22.40
C GLY B 181 22.34 25.72 22.08
N LEU B 182 21.78 24.90 21.22
CA LEU B 182 20.41 25.00 20.82
C LEU B 182 19.39 24.77 21.91
N GLU B 183 18.29 25.47 21.82
CA GLU B 183 17.14 25.21 22.68
C GLU B 183 16.32 24.02 22.17
N ARG B 184 16.21 23.88 20.85
CA ARG B 184 15.29 22.91 20.28
C ARG B 184 15.98 22.15 19.16
N ALA B 185 15.78 20.83 19.14
CA ALA B 185 16.38 19.95 18.14
C ALA B 185 15.27 19.10 17.52
N ILE B 186 15.25 19.04 16.18
CA ILE B 186 14.22 18.31 15.44
C ILE B 186 14.90 17.25 14.58
N ALA B 187 14.62 15.98 14.86
CA ALA B 187 15.07 14.86 14.03
C ALA B 187 14.12 14.72 12.84
N PHE B 188 14.55 15.19 11.67
CA PHE B 188 13.71 15.31 10.48
C PHE B 188 14.20 14.27 9.48
N THR B 189 13.58 13.09 9.47
CA THR B 189 13.99 12.10 8.50
C THR B 189 13.70 12.60 7.09
N GLN B 190 14.61 12.28 6.17
CA GLN B 190 14.41 12.62 4.78
C GLN B 190 13.81 11.46 3.99
N TYR B 191 13.41 10.38 4.66
CA TYR B 191 12.57 9.37 4.03
C TYR B 191 11.12 9.71 4.32
N PRO B 192 10.31 10.05 3.32
CA PRO B 192 8.91 10.36 3.61
C PRO B 192 8.13 9.18 4.18
N GLN B 193 8.48 7.95 3.79
CA GLN B 193 7.79 6.74 4.23
C GLN B 193 8.66 5.99 5.24
N TYR B 194 8.08 5.67 6.37
CA TYR B 194 8.83 5.11 7.49
C TYR B 194 9.17 3.64 7.25
N SER B 195 10.42 3.27 7.45
CA SER B 195 10.81 1.89 7.61
C SER B 195 11.69 1.80 8.84
N CYS B 196 11.56 0.73 9.63
CA CYS B 196 12.49 0.59 10.76
C CYS B 196 13.93 0.49 10.28
N SER B 197 14.13 0.11 9.02
CA SER B 197 15.46 -0.07 8.49
C SER B 197 16.10 1.24 8.06
N THR B 198 15.32 2.32 7.93
CA THR B 198 15.84 3.59 7.43
C THR B 198 15.66 4.61 8.53
N THR B 199 14.46 5.20 8.59
CA THR B 199 14.16 6.16 9.64
C THR B 199 14.35 5.54 11.02
N GLY B 200 13.85 4.32 11.23
CA GLY B 200 14.03 3.65 12.53
C GLY B 200 15.49 3.58 12.95
N SER B 201 16.37 3.18 12.03
CA SER B 201 17.80 3.09 12.35
C SER B 201 18.38 4.44 12.70
N SER B 202 18.00 5.50 11.98
CA SER B 202 18.52 6.83 12.31
C SER B 202 18.05 7.30 13.69
N LEU B 203 16.78 7.06 14.03
CA LEU B 203 16.28 7.50 15.33
C LEU B 203 16.92 6.71 16.47
N ASN B 204 17.12 5.40 16.27
CA ASN B 204 17.83 4.59 17.27
C ASN B 204 19.23 5.14 17.51
N ALA B 205 19.89 5.59 16.43
CA ALA B 205 21.23 6.13 16.57
C ALA B 205 21.22 7.36 17.48
N ILE B 206 20.16 8.17 17.39
CA ILE B 206 20.07 9.34 18.25
C ILE B 206 19.91 8.91 19.69
N TYR B 207 19.00 7.96 19.94
CA TYR B 207 18.84 7.44 21.29
C TYR B 207 20.13 6.81 21.80
N ARG B 208 20.76 5.96 20.99
CA ARG B 208 21.97 5.29 21.44
C ARG B 208 23.10 6.27 21.74
N TYR B 209 23.17 7.37 20.97
CA TYR B 209 24.23 8.34 21.22
C TYR B 209 24.21 8.83 22.66
N TYR B 210 23.02 9.20 23.15
CA TYR B 210 22.93 9.72 24.51
C TYR B 210 23.10 8.63 25.55
N ASN B 211 22.60 7.43 25.25
CA ASN B 211 22.74 6.35 26.21
C ASN B 211 24.20 5.94 26.38
N GLN B 212 24.89 5.71 25.26
CA GLN B 212 26.28 5.29 25.33
C GLN B 212 27.18 6.39 25.88
N VAL B 213 26.93 7.65 25.50
CA VAL B 213 27.73 8.75 26.05
C VAL B 213 27.42 8.94 27.53
N GLY B 214 26.26 8.50 28.00
CA GLY B 214 25.98 8.48 29.43
C GLY B 214 25.57 9.81 30.01
N ARG B 215 25.00 10.70 29.21
CA ARG B 215 24.55 11.99 29.72
C ARG B 215 23.21 12.30 29.07
N LYS B 216 22.54 13.29 29.62
CA LYS B 216 21.24 13.66 29.09
C LYS B 216 21.36 14.79 28.09
N PRO B 217 20.38 14.92 27.19
CA PRO B 217 20.45 15.98 26.19
C PRO B 217 20.33 17.36 26.79
N THR B 218 20.96 18.34 26.16
CA THR B 218 20.88 19.71 26.64
C THR B 218 19.90 20.52 25.81
N MET B 219 19.15 19.83 24.95
CA MET B 219 18.17 20.48 24.09
C MET B 219 16.87 19.69 24.05
N LYS B 220 15.78 20.35 23.70
CA LYS B 220 14.48 19.69 23.60
C LYS B 220 14.39 18.98 22.26
N TRP B 221 14.19 17.67 22.30
CA TRP B 221 14.12 16.89 21.07
C TRP B 221 12.68 16.60 20.66
N SER B 222 12.50 16.38 19.35
CA SER B 222 11.25 15.91 18.79
C SER B 222 11.60 15.31 17.43
N THR B 223 10.65 14.61 16.81
CA THR B 223 10.95 14.09 15.49
C THR B 223 9.78 14.29 14.53
N ILE B 224 10.14 14.61 13.29
CA ILE B 224 9.23 14.44 12.16
C ILE B 224 9.64 13.10 11.57
N ASP B 225 8.92 12.03 11.94
CA ASP B 225 9.38 10.68 11.65
C ASP B 225 8.81 10.08 10.36
N ARG B 226 7.82 10.72 9.75
CA ARG B 226 7.34 10.30 8.45
C ARG B 226 6.47 11.41 7.89
N TRP B 227 6.29 11.38 6.56
CA TRP B 227 5.45 12.37 5.91
C TRP B 227 5.08 11.90 4.51
N PRO B 228 4.48 10.71 4.37
CA PRO B 228 4.30 10.13 3.03
C PRO B 228 3.28 10.84 2.15
N THR B 229 2.39 11.66 2.70
CA THR B 229 1.33 12.27 1.90
C THR B 229 1.31 13.79 2.01
N HIS B 230 2.40 14.42 2.45
CA HIS B 230 2.40 15.87 2.57
C HIS B 230 2.04 16.50 1.22
N HIS B 231 1.07 17.43 1.24
CA HIS B 231 0.48 17.88 -0.02
C HIS B 231 1.52 18.49 -0.96
N LEU B 232 2.57 19.13 -0.41
CA LEU B 232 3.57 19.73 -1.28
C LEU B 232 4.58 18.71 -1.78
N LEU B 233 4.88 17.67 -1.01
CA LEU B 233 5.64 16.55 -1.57
C LEU B 233 4.91 15.95 -2.77
N ILE B 234 3.60 15.73 -2.62
CA ILE B 234 2.79 15.16 -3.70
C ILE B 234 2.81 16.07 -4.93
N GLN B 235 2.65 17.37 -4.70
CA GLN B 235 2.67 18.33 -5.80
C GLN B 235 4.00 18.30 -6.57
N CYS B 236 5.13 18.10 -5.87
CA CYS B 236 6.42 18.10 -6.58
C CYS B 236 6.58 16.85 -7.42
N PHE B 237 6.13 15.71 -6.91
CA PHE B 237 6.12 14.50 -7.73
C PHE B 237 5.24 14.67 -8.96
N ALA B 238 4.01 15.16 -8.76
CA ALA B 238 3.10 15.30 -9.89
C ALA B 238 3.66 16.25 -10.92
N ASP B 239 4.26 17.35 -10.47
CA ASP B 239 4.89 18.30 -11.38
C ASP B 239 6.00 17.64 -12.18
N HIS B 240 6.86 16.86 -11.51
CA HIS B 240 7.96 16.23 -12.24
C HIS B 240 7.47 15.15 -13.19
N ILE B 241 6.36 14.47 -12.83
CA ILE B 241 5.78 13.48 -13.73
C ILE B 241 5.24 14.15 -14.98
N LEU B 242 4.46 15.21 -14.80
CA LEU B 242 3.88 15.91 -15.95
C LEU B 242 4.97 16.48 -16.85
N LYS B 243 5.98 17.11 -16.24
CA LYS B 243 7.10 17.63 -17.01
C LYS B 243 7.75 16.55 -17.86
N GLU B 244 7.93 15.34 -17.29
CA GLU B 244 8.52 14.26 -18.07
C GLU B 244 7.54 13.70 -19.09
N LEU B 245 6.25 13.69 -18.76
CA LEU B 245 5.26 13.23 -19.73
C LEU B 245 5.32 14.06 -21.00
N ASP B 246 5.59 15.37 -20.86
CA ASP B 246 5.69 16.26 -22.01
C ASP B 246 6.89 15.94 -22.90
N HIS B 247 7.88 15.22 -22.39
CA HIS B 247 9.04 14.85 -23.18
C HIS B 247 8.82 13.56 -23.98
N PHE B 248 7.67 12.88 -23.80
CA PHE B 248 7.36 11.76 -24.68
C PHE B 248 6.79 12.30 -25.99
N PRO B 249 6.93 11.55 -27.08
CA PRO B 249 6.20 11.90 -28.31
C PRO B 249 4.73 12.04 -27.99
N LEU B 250 4.15 13.16 -28.46
CA LEU B 250 2.74 13.44 -28.19
C LEU B 250 1.85 12.27 -28.58
N GLU B 251 2.19 11.57 -29.66
CA GLU B 251 1.34 10.46 -30.11
C GLU B 251 1.42 9.25 -29.18
N LYS B 252 2.38 9.21 -28.26
CA LYS B 252 2.49 8.10 -27.32
C LYS B 252 2.19 8.49 -25.89
N ARG B 253 1.88 9.77 -25.63
CA ARG B 253 1.71 10.24 -24.26
C ARG B 253 0.67 9.39 -23.52
N SER B 254 -0.45 9.09 -24.18
CA SER B 254 -1.47 8.29 -23.53
C SER B 254 -1.05 6.82 -23.38
N GLU B 255 -0.12 6.34 -24.22
CA GLU B 255 0.45 4.99 -24.07
C GLU B 255 1.25 4.81 -22.82
N VAL B 256 1.73 5.89 -22.21
CA VAL B 256 2.79 5.78 -21.21
C VAL B 256 2.25 5.11 -19.97
N VAL B 257 3.00 4.11 -19.49
CA VAL B 257 2.73 3.43 -18.23
C VAL B 257 3.68 4.02 -17.19
N ILE B 258 3.12 4.43 -16.04
CA ILE B 258 3.91 5.01 -14.97
C ILE B 258 4.32 3.89 -14.02
N LEU B 259 5.62 3.69 -13.88
CA LEU B 259 6.14 2.72 -12.91
C LEU B 259 6.70 3.49 -11.73
N PHE B 260 5.93 3.52 -10.64
CA PHE B 260 6.48 4.01 -9.38
C PHE B 260 7.43 2.94 -8.85
N SER B 261 8.65 3.34 -8.56
CA SER B 261 9.69 2.41 -8.13
C SER B 261 10.23 2.85 -6.78
N ALA B 262 10.27 1.93 -5.83
CA ALA B 262 10.79 2.20 -4.51
C ALA B 262 11.74 1.08 -4.11
N HIS B 263 12.72 1.41 -3.28
CA HIS B 263 13.61 0.40 -2.73
C HIS B 263 12.79 -0.69 -2.05
N SER B 264 13.13 -1.95 -2.31
CA SER B 264 12.35 -3.07 -1.79
C SER B 264 12.74 -3.35 -0.33
N LEU B 265 12.05 -4.31 0.29
CA LEU B 265 12.40 -4.82 1.60
C LEU B 265 12.43 -6.34 1.56
N PRO B 266 13.31 -6.97 2.34
CA PRO B 266 13.20 -8.42 2.51
C PRO B 266 11.84 -8.77 3.08
N MET B 267 11.31 -9.93 2.67
CA MET B 267 10.01 -10.35 3.17
C MET B 267 10.03 -10.55 4.68
N SER B 268 11.17 -10.94 5.26
CA SER B 268 11.25 -11.06 6.72
C SER B 268 10.96 -9.73 7.40
N VAL B 269 11.34 -8.62 6.76
CA VAL B 269 11.06 -7.30 7.33
C VAL B 269 9.60 -6.94 7.14
N VAL B 270 9.09 -7.12 5.91
CA VAL B 270 7.67 -6.90 5.63
C VAL B 270 6.79 -7.69 6.61
N ASN B 271 7.07 -8.98 6.75
CA ASN B 271 6.22 -9.88 7.51
C ASN B 271 6.28 -9.64 9.02
N ARG B 272 7.24 -8.85 9.50
CA ARG B 272 7.22 -8.51 10.91
C ARG B 272 6.39 -7.26 11.19
N GLY B 273 5.92 -6.57 10.16
CA GLY B 273 5.03 -5.45 10.34
C GLY B 273 5.58 -4.07 9.95
N ASP B 274 6.62 -4.01 9.14
CA ASP B 274 7.19 -2.73 8.74
C ASP B 274 6.12 -1.88 8.04
N PRO B 275 5.94 -0.62 8.44
CA PRO B 275 4.90 0.23 7.83
C PRO B 275 5.23 0.74 6.44
N TYR B 276 6.45 0.48 5.96
CA TYR B 276 6.93 1.10 4.72
C TYR B 276 6.05 0.80 3.50
N PRO B 277 5.77 -0.47 3.16
CA PRO B 277 5.03 -0.70 1.88
C PRO B 277 3.69 -0.01 1.84
N GLN B 278 2.98 0.02 2.96
CA GLN B 278 1.68 0.71 3.02
C GLN B 278 1.83 2.21 2.86
N GLU B 279 2.90 2.80 3.41
CA GLU B 279 3.07 4.23 3.29
C GLU B 279 3.51 4.62 1.89
N VAL B 280 4.38 3.83 1.27
CA VAL B 280 4.76 4.08 -0.13
C VAL B 280 3.51 4.05 -1.00
N SER B 281 2.66 3.05 -0.78
CA SER B 281 1.39 2.94 -1.49
C SER B 281 0.53 4.18 -1.31
N ALA B 282 0.50 4.74 -0.11
CA ALA B 282 -0.26 5.96 0.11
C ALA B 282 0.29 7.13 -0.69
N THR B 283 1.62 7.27 -0.75
CA THR B 283 2.23 8.30 -1.58
C THR B 283 1.82 8.13 -3.05
N VAL B 284 1.92 6.91 -3.56
CA VAL B 284 1.58 6.66 -4.96
C VAL B 284 0.12 7.05 -5.23
N GLN B 285 -0.79 6.65 -4.34
CA GLN B 285 -2.20 6.97 -4.52
C GLN B 285 -2.45 8.48 -4.56
N LYS B 286 -1.83 9.25 -3.65
CA LYS B 286 -2.05 10.70 -3.64
C LYS B 286 -1.53 11.36 -4.92
N VAL B 287 -0.35 10.95 -5.40
CA VAL B 287 0.19 11.48 -6.66
C VAL B 287 -0.78 11.22 -7.82
N MET B 288 -1.25 9.97 -7.94
CA MET B 288 -2.12 9.61 -9.06
C MET B 288 -3.49 10.27 -8.96
N GLU B 289 -3.97 10.49 -7.74
CA GLU B 289 -5.17 11.29 -7.54
C GLU B 289 -4.97 12.71 -8.09
N ARG B 290 -3.82 13.32 -7.75
CA ARG B 290 -3.55 14.67 -8.21
C ARG B 290 -3.41 14.73 -9.74
N LEU B 291 -2.87 13.68 -10.37
CA LEU B 291 -2.77 13.60 -11.81
C LEU B 291 -4.09 13.18 -12.46
N GLU B 292 -5.14 12.97 -11.66
CA GLU B 292 -6.47 12.56 -12.13
C GLU B 292 -6.40 11.27 -12.95
N TYR B 293 -5.53 10.34 -12.52
CA TYR B 293 -5.40 9.02 -13.14
C TYR B 293 -5.22 9.13 -14.65
N CYS B 294 -4.42 10.12 -15.07
CA CYS B 294 -4.21 10.39 -16.49
C CYS B 294 -3.59 9.20 -17.23
N ASN B 295 -2.80 8.39 -16.55
CA ASN B 295 -2.10 7.26 -17.15
C ASN B 295 -2.24 6.07 -16.23
N PRO B 296 -2.12 4.85 -16.75
CA PRO B 296 -2.10 3.68 -15.87
C PRO B 296 -0.77 3.57 -15.15
N TYR B 297 -0.77 2.91 -13.99
CA TYR B 297 0.44 2.83 -13.18
C TYR B 297 0.54 1.49 -12.48
N ARG B 298 1.75 1.19 -12.00
CA ARG B 298 1.99 0.11 -11.04
C ARG B 298 3.05 0.59 -10.06
N LEU B 299 3.01 0.04 -8.85
CA LEU B 299 4.06 0.24 -7.85
C LEU B 299 4.94 -1.00 -7.82
N VAL B 300 6.24 -0.83 -8.07
CA VAL B 300 7.19 -1.93 -8.16
C VAL B 300 8.42 -1.59 -7.32
N TRP B 301 9.28 -2.59 -7.11
CA TRP B 301 10.28 -2.53 -6.05
C TRP B 301 11.66 -2.88 -6.58
N GLN B 302 12.66 -2.06 -6.23
CA GLN B 302 14.01 -2.20 -6.78
C GLN B 302 15.03 -2.49 -5.69
N SER B 303 16.27 -2.77 -6.10
CA SER B 303 17.46 -2.81 -5.25
C SER B 303 17.56 -4.04 -4.36
N LYS B 304 16.84 -5.10 -4.67
CA LYS B 304 16.97 -6.31 -3.87
C LYS B 304 18.36 -6.92 -4.04
N VAL B 305 18.97 -7.35 -2.93
CA VAL B 305 20.25 -8.05 -2.97
C VAL B 305 20.17 -9.29 -2.08
N GLY B 306 20.92 -10.32 -2.45
CA GLY B 306 21.00 -11.53 -1.67
C GLY B 306 20.05 -12.60 -2.16
N PRO B 307 20.06 -13.76 -1.49
CA PRO B 307 19.24 -14.90 -1.93
C PRO B 307 17.90 -15.07 -1.22
N MET B 308 17.59 -14.25 -0.21
CA MET B 308 16.34 -14.37 0.52
C MET B 308 15.18 -13.75 -0.27
N PRO B 309 13.94 -14.00 0.14
CA PRO B 309 12.81 -13.37 -0.55
C PRO B 309 12.66 -11.89 -0.19
N TRP B 310 12.37 -11.08 -1.21
CA TRP B 310 12.10 -9.66 -1.08
C TRP B 310 10.70 -9.35 -1.63
N LEU B 311 10.18 -8.18 -1.27
CA LEU B 311 8.88 -7.75 -1.80
C LEU B 311 8.99 -7.47 -3.29
N GLY B 312 8.14 -8.11 -4.08
CA GLY B 312 8.11 -7.86 -5.50
C GLY B 312 6.80 -7.23 -5.91
N PRO B 313 6.57 -7.05 -7.23
CA PRO B 313 7.44 -7.41 -8.35
C PRO B 313 8.70 -6.55 -8.43
N GLN B 314 9.77 -7.07 -9.03
CA GLN B 314 10.99 -6.28 -9.16
C GLN B 314 10.83 -5.29 -10.30
N THR B 315 11.43 -4.12 -10.14
CA THR B 315 11.34 -3.09 -11.17
C THR B 315 11.90 -3.59 -12.50
N ASP B 316 13.02 -4.32 -12.47
CA ASP B 316 13.64 -4.73 -13.73
C ASP B 316 12.80 -5.78 -14.45
N GLU B 317 12.32 -6.78 -13.72
CA GLU B 317 11.41 -7.76 -14.30
C GLU B 317 10.12 -7.10 -14.79
N SER B 318 9.66 -6.06 -14.10
CA SER B 318 8.44 -5.38 -14.53
C SER B 318 8.63 -4.63 -15.84
N ILE B 319 9.77 -3.94 -15.98
CA ILE B 319 10.08 -3.28 -17.24
C ILE B 319 10.16 -4.31 -18.37
N LYS B 320 10.93 -5.38 -18.15
CA LYS B 320 11.04 -6.47 -19.12
C LYS B 320 9.66 -7.02 -19.47
N GLY B 321 8.85 -7.30 -18.45
CA GLY B 321 7.55 -7.90 -18.68
C GLY B 321 6.61 -7.00 -19.48
N LEU B 322 6.58 -5.71 -19.14
CA LEU B 322 5.77 -4.76 -19.89
C LEU B 322 6.20 -4.68 -21.34
N CYS B 323 7.51 -4.60 -21.57
CA CYS B 323 8.02 -4.48 -22.93
C CYS B 323 7.63 -5.70 -23.74
N GLU B 324 7.82 -6.90 -23.18
CA GLU B 324 7.47 -8.13 -23.87
C GLU B 324 5.98 -8.25 -24.13
N ARG B 325 5.15 -7.60 -23.32
CA ARG B 325 3.70 -7.63 -23.52
C ARG B 325 3.19 -6.42 -24.29
N GLY B 326 4.08 -5.71 -25.01
CA GLY B 326 3.67 -4.64 -25.91
C GLY B 326 3.51 -3.27 -25.29
N ARG B 327 3.85 -3.08 -24.02
CA ARG B 327 3.84 -1.77 -23.38
C ARG B 327 5.27 -1.23 -23.45
N LYS B 328 5.55 -0.45 -24.51
CA LYS B 328 6.92 -0.05 -24.85
C LYS B 328 7.21 1.40 -24.54
N ASN B 329 6.30 2.10 -23.85
CA ASN B 329 6.50 3.49 -23.47
C ASN B 329 6.30 3.58 -21.96
N ILE B 330 7.38 3.83 -21.21
CA ILE B 330 7.39 3.65 -19.75
C ILE B 330 8.01 4.86 -19.08
N LEU B 331 7.38 5.34 -18.00
CA LEU B 331 7.91 6.42 -17.19
C LEU B 331 8.24 5.87 -15.80
N LEU B 332 9.52 5.91 -15.43
CA LEU B 332 9.94 5.50 -14.09
C LEU B 332 9.79 6.68 -13.14
N VAL B 333 9.23 6.42 -11.96
CA VAL B 333 9.10 7.47 -10.96
C VAL B 333 9.65 6.97 -9.64
N PRO B 334 10.87 7.32 -9.29
CA PRO B 334 11.38 7.03 -7.95
C PRO B 334 10.56 7.74 -6.89
N ILE B 335 9.84 6.98 -6.07
CA ILE B 335 8.80 7.54 -5.22
C ILE B 335 9.19 7.56 -3.73
N ALA B 336 10.33 6.97 -3.37
CA ALA B 336 10.67 6.82 -1.96
C ALA B 336 11.95 7.57 -1.60
N PHE B 337 12.44 8.43 -2.49
CA PHE B 337 13.56 9.26 -2.06
C PHE B 337 13.42 10.62 -2.72
N THR B 338 14.16 11.60 -2.21
CA THR B 338 13.95 12.99 -2.63
C THR B 338 15.13 13.59 -3.39
N SER B 339 16.18 12.82 -3.68
CA SER B 339 17.26 13.34 -4.50
C SER B 339 17.80 12.19 -5.34
N ASP B 340 18.60 12.56 -6.35
CA ASP B 340 19.33 11.53 -7.08
C ASP B 340 20.33 10.85 -6.17
N HIS B 341 20.59 9.59 -6.46
CA HIS B 341 21.59 8.81 -5.74
C HIS B 341 21.84 7.56 -6.56
N ILE B 342 22.61 6.62 -6.01
CA ILE B 342 23.03 5.43 -6.75
C ILE B 342 21.82 4.68 -7.34
N GLU B 343 20.68 4.70 -6.66
CA GLU B 343 19.53 3.95 -7.14
C GLU B 343 18.93 4.54 -8.40
N THR B 344 18.97 5.87 -8.56
CA THR B 344 18.43 6.46 -9.78
C THR B 344 19.49 6.58 -10.86
N LEU B 345 20.66 7.11 -10.52
CA LEU B 345 21.69 7.39 -11.52
C LEU B 345 22.34 6.12 -12.04
N TYR B 346 22.51 5.10 -11.20
CA TYR B 346 23.09 3.84 -11.65
C TYR B 346 22.03 2.78 -11.93
N GLU B 347 21.28 2.38 -10.89
CA GLU B 347 20.40 1.23 -11.05
C GLU B 347 19.34 1.47 -12.13
N LEU B 348 18.62 2.59 -12.05
CA LEU B 348 17.58 2.86 -13.04
C LEU B 348 18.18 3.33 -14.36
N ASP B 349 19.02 4.37 -14.32
CA ASP B 349 19.42 5.02 -15.57
C ASP B 349 20.39 4.19 -16.40
N ILE B 350 21.24 3.39 -15.75
CA ILE B 350 22.25 2.62 -16.46
C ILE B 350 21.81 1.15 -16.55
N GLU B 351 21.61 0.50 -15.40
CA GLU B 351 21.27 -0.92 -15.38
C GLU B 351 19.94 -1.20 -16.10
N TYR B 352 18.89 -0.42 -15.84
CA TYR B 352 17.57 -0.73 -16.39
C TYR B 352 17.23 0.04 -17.66
N SER B 353 17.40 1.37 -17.64
CA SER B 353 16.97 2.18 -18.79
C SER B 353 17.87 1.99 -19.99
N GLN B 354 19.18 1.87 -19.78
CA GLN B 354 20.10 1.76 -20.91
C GLN B 354 20.23 0.32 -21.39
N VAL B 355 20.65 -0.59 -20.51
CA VAL B 355 20.94 -1.94 -20.95
C VAL B 355 19.64 -2.72 -21.14
N LEU B 356 18.91 -2.95 -20.04
CA LEU B 356 17.72 -3.80 -20.08
C LEU B 356 16.73 -3.32 -21.12
N ALA B 357 16.36 -2.03 -21.05
CA ALA B 357 15.31 -1.51 -21.92
C ALA B 357 15.65 -1.66 -23.40
N LYS B 358 16.93 -1.65 -23.76
CA LYS B 358 17.23 -1.79 -25.18
C LYS B 358 17.45 -3.25 -25.59
N GLU B 359 17.85 -4.14 -24.67
CA GLU B 359 17.83 -5.56 -25.02
C GLU B 359 16.40 -6.07 -25.21
N CYS B 360 15.43 -5.51 -24.50
CA CYS B 360 14.05 -5.97 -24.67
C CYS B 360 13.30 -5.17 -25.74
N GLY B 361 13.92 -4.13 -26.29
CA GLY B 361 13.36 -3.39 -27.40
C GLY B 361 12.33 -2.34 -27.06
N VAL B 362 12.60 -1.48 -26.08
CA VAL B 362 11.66 -0.42 -25.73
C VAL B 362 11.63 0.66 -26.81
N GLU B 363 10.48 1.32 -26.91
CA GLU B 363 10.35 2.50 -27.76
C GLU B 363 10.80 3.77 -27.02
N ASN B 364 10.26 4.04 -25.84
CA ASN B 364 10.69 5.19 -25.04
C ASN B 364 10.61 4.82 -23.57
N ILE B 365 11.71 4.98 -22.83
CA ILE B 365 11.69 4.84 -21.38
C ILE B 365 12.40 6.06 -20.80
N ARG B 366 11.70 6.79 -19.94
CA ARG B 366 12.24 7.98 -19.30
C ARG B 366 12.06 7.82 -17.80
N ARG B 367 12.72 8.69 -17.04
CA ARG B 367 12.62 8.73 -15.58
C ARG B 367 12.34 10.16 -15.16
N ALA B 368 11.30 10.35 -14.35
CA ALA B 368 11.04 11.67 -13.78
C ALA B 368 12.27 12.17 -13.01
N GLU B 369 12.52 13.46 -13.15
CA GLU B 369 13.62 14.10 -12.41
C GLU B 369 13.38 13.99 -10.92
N SER B 370 14.43 13.62 -10.19
CA SER B 370 14.40 13.61 -8.73
C SER B 370 14.12 15.02 -8.21
N LEU B 371 13.64 15.10 -6.98
CA LEU B 371 13.18 16.40 -6.47
C LEU B 371 14.33 17.39 -6.33
N ASN B 372 15.50 16.91 -5.89
CA ASN B 372 16.75 17.66 -5.96
C ASN B 372 16.59 19.11 -5.52
N GLY B 373 16.77 20.05 -6.45
CA GLY B 373 16.77 21.46 -6.11
C GLY B 373 15.45 22.20 -6.25
N ASN B 374 14.35 21.50 -6.51
CA ASN B 374 13.05 22.15 -6.70
C ASN B 374 12.71 23.04 -5.51
N PRO B 375 12.51 24.35 -5.70
CA PRO B 375 12.21 25.22 -4.55
C PRO B 375 10.89 24.91 -3.88
N LEU B 376 9.95 24.29 -4.59
CA LEU B 376 8.74 23.85 -3.92
C LEU B 376 9.02 22.76 -2.91
N PHE B 377 10.03 21.91 -3.16
CA PHE B 377 10.38 20.90 -2.16
C PHE B 377 10.95 21.57 -0.91
N SER B 378 11.70 22.66 -1.08
CA SER B 378 12.18 23.40 0.07
C SER B 378 11.03 23.97 0.89
N LYS B 379 9.98 24.44 0.22
CA LYS B 379 8.81 24.91 0.96
C LYS B 379 8.12 23.74 1.66
N ALA B 380 8.07 22.58 1.01
CA ALA B 380 7.54 21.39 1.65
C ALA B 380 8.27 21.10 2.96
N LEU B 381 9.60 21.15 2.93
CA LEU B 381 10.39 20.92 4.13
C LEU B 381 10.09 21.95 5.21
N ALA B 382 10.07 23.23 4.84
CA ALA B 382 9.84 24.28 5.83
C ALA B 382 8.42 24.21 6.39
N ASP B 383 7.43 23.93 5.54
CA ASP B 383 6.06 23.79 6.04
C ASP B 383 5.95 22.63 7.01
N LEU B 384 6.64 21.52 6.71
CA LEU B 384 6.62 20.38 7.63
C LEU B 384 7.18 20.76 8.99
N VAL B 385 8.31 21.47 9.02
CA VAL B 385 8.90 21.87 10.30
C VAL B 385 7.99 22.88 11.00
N HIS B 386 7.49 23.86 10.26
CA HIS B 386 6.61 24.87 10.83
C HIS B 386 5.40 24.25 11.49
N SER B 387 4.71 23.34 10.78
CA SER B 387 3.54 22.67 11.33
C SER B 387 3.92 21.83 12.53
N HIS B 388 5.06 21.15 12.45
CA HIS B 388 5.55 20.37 13.59
C HIS B 388 5.74 21.24 14.82
N ILE B 389 6.32 22.43 14.65
CA ILE B 389 6.56 23.32 15.78
C ILE B 389 5.24 23.84 16.34
N GLN B 390 4.36 24.36 15.48
CA GLN B 390 3.09 24.92 15.94
C GLN B 390 2.24 23.88 16.67
N SER B 391 2.30 22.63 16.23
CA SER B 391 1.49 21.58 16.81
C SER B 391 2.02 21.05 18.13
N ASN B 392 3.25 21.39 18.51
CA ASN B 392 3.91 20.85 19.70
C ASN B 392 3.96 19.32 19.69
N GLU B 393 3.95 18.72 18.51
CA GLU B 393 4.03 17.27 18.43
C GLU B 393 5.46 16.83 18.71
N LEU B 394 5.58 15.71 19.39
CA LEU B 394 6.89 15.12 19.65
C LEU B 394 7.30 14.11 18.57
N CYS B 395 6.34 13.51 17.88
CA CYS B 395 6.47 12.40 16.93
C CYS B 395 5.07 12.13 16.37
N SER B 396 5.01 11.47 15.23
CA SER B 396 3.70 10.95 14.75
C SER B 396 3.05 9.98 15.75
N LYS B 397 1.72 9.92 15.71
CA LYS B 397 1.00 8.86 16.43
C LYS B 397 1.51 7.48 16.02
N GLN B 398 1.88 7.31 14.74
CA GLN B 398 2.35 6.01 14.27
C GLN B 398 3.63 5.57 14.96
N LEU B 399 4.48 6.51 15.39
CA LEU B 399 5.69 6.09 16.08
C LEU B 399 5.39 5.46 17.43
N THR B 400 4.24 5.80 18.05
CA THR B 400 3.89 5.27 19.37
C THR B 400 3.53 3.79 19.34
N LEU B 401 3.45 3.18 18.17
CA LEU B 401 3.16 1.77 18.03
C LEU B 401 4.36 1.08 17.40
N SER B 402 5.01 0.20 18.14
CA SER B 402 6.09 -0.58 17.56
C SER B 402 5.52 -1.73 16.71
N CYS B 403 6.38 -2.30 15.88
CA CYS B 403 5.94 -3.35 14.95
C CYS B 403 5.38 -4.54 15.73
N PRO B 404 4.27 -5.14 15.27
CA PRO B 404 3.65 -6.23 16.06
C PRO B 404 4.59 -7.38 16.35
N LEU B 405 5.54 -7.67 15.47
CA LEU B 405 6.50 -8.75 15.70
C LEU B 405 7.92 -8.20 15.86
N CYS B 406 8.04 -6.96 16.35
CA CYS B 406 9.35 -6.39 16.63
C CYS B 406 10.09 -7.24 17.66
N VAL B 407 11.36 -7.55 17.37
CA VAL B 407 12.22 -8.31 18.25
C VAL B 407 13.41 -7.50 18.76
N ASN B 408 13.40 -6.18 18.56
CA ASN B 408 14.53 -5.31 18.88
C ASN B 408 14.22 -4.48 20.11
N PRO B 409 14.93 -4.67 21.23
CA PRO B 409 14.61 -3.91 22.45
C PRO B 409 14.84 -2.41 22.33
N VAL B 410 15.69 -1.97 21.41
CA VAL B 410 15.97 -0.54 21.32
C VAL B 410 14.76 0.24 20.80
N CYS B 411 13.89 -0.39 19.99
CA CYS B 411 12.83 0.37 19.34
C CYS B 411 11.89 0.97 20.38
N ARG B 412 11.61 0.21 21.46
CA ARG B 412 10.80 0.71 22.56
C ARG B 412 11.48 1.87 23.27
N GLU B 413 12.79 1.75 23.48
CA GLU B 413 13.48 2.80 24.24
C GLU B 413 13.58 4.06 23.40
N THR B 414 13.85 3.91 22.10
CA THR B 414 13.88 5.06 21.20
C THR B 414 12.54 5.77 21.15
N LYS B 415 11.45 5.01 21.05
CA LYS B 415 10.13 5.60 21.03
C LYS B 415 9.89 6.43 22.29
N SER B 416 10.21 5.85 23.46
CA SER B 416 9.94 6.55 24.72
C SER B 416 10.85 7.76 24.90
N PHE B 417 12.07 7.71 24.33
CA PHE B 417 12.93 8.87 24.33
C PHE B 417 12.23 10.07 23.70
N PHE B 418 11.53 9.86 22.58
CA PHE B 418 10.87 11.00 21.95
C PHE B 418 9.54 11.32 22.61
N THR B 419 8.74 10.32 22.97
CA THR B 419 7.42 10.65 23.51
C THR B 419 7.52 11.29 24.88
N SER B 420 8.62 11.07 25.59
CA SER B 420 8.81 11.55 26.96
C SER B 420 9.49 12.92 27.03
N GLN B 421 9.87 13.51 25.90
CA GLN B 421 10.63 14.75 25.92
C GLN B 421 9.89 15.86 26.64
N GLN B 422 10.62 16.62 27.45
CA GLN B 422 10.08 17.85 27.99
C GLN B 422 9.75 18.82 26.86
N LEU B 423 8.61 19.49 26.98
CA LEU B 423 8.22 20.49 25.99
C LEU B 423 8.93 21.82 26.25
FE1 FES C . -3.21 -9.53 -13.60
FE2 FES C . -3.51 -11.07 -16.12
S1 FES C . -3.78 -8.94 -15.65
S2 FES C . -3.15 -11.69 -14.03
C13 GFO D . -6.90 -22.08 -1.47
C15 GFO D . -5.67 -24.14 -1.23
C17 GFO D . -5.58 -26.51 -2.03
C20 GFO D . -4.55 -23.55 -1.81
C21 GFO D . -4.61 -22.22 -2.21
C26 GFO D . -8.96 -10.43 -1.76
C28 GFO D . -10.86 -9.25 -0.73
C2 GFO D . -9.03 -12.80 -2.01
C4 GFO D . -7.12 -14.00 -3.16
C5 GFO D . -6.54 -15.40 -3.30
C6 GFO D . -5.52 -15.67 -4.32
C7 GFO D . -4.97 -17.03 -4.46
C11 GFO D . -5.84 -20.01 -2.49
C12 GFO D . -5.78 -21.49 -2.04
C14 GFO D . -6.83 -23.41 -1.07
C16 GFO D . -5.61 -25.61 -0.80
C18 GFO D . -6.84 -25.94 0.04
C19 GFO D . -4.35 -25.84 0.04
C23 GFO D . -6.40 -17.87 -2.60
C25 GFO D . -8.37 -11.58 -2.17
C27 GFO D . -10.23 -10.46 -1.17
C29 GFO D . -12.12 -9.30 -0.14
C30 GFO D . -12.77 -10.52 0.03
C31 GFO D . -12.16 -11.70 -0.40
C32 GFO D . -10.87 -11.65 -1.01
N1 GFO D . -10.26 -12.84 -1.43
N3 GFO D . -8.39 -14.04 -2.45
N9 GFO D . -5.44 -18.12 -3.57
N10 GFO D . -5.09 -19.45 -3.49
N22 GFO D . -6.65 -19.03 -1.94
N24 GFO D . -6.99 -16.47 -2.45
O8 GFO D . -4.14 -17.26 -5.28
FE1 FES E . 9.69 -2.05 13.77
FE2 FES E . 11.12 -2.53 16.22
S1 FES E . 9.47 -1.14 15.76
S2 FES E . 11.42 -3.32 14.18
C13 GFO F . 22.41 -5.94 1.82
C15 GFO F . 23.56 -8.06 1.73
C17 GFO F . 25.58 -9.27 2.55
C20 GFO F . 22.50 -8.65 2.41
C21 GFO F . 21.40 -7.89 2.79
C26 GFO F . 13.76 2.02 1.87
C28 GFO F . 13.83 4.16 0.67
C2 GFO F . 15.79 0.85 2.32
C4 GFO F . 15.70 -1.40 3.45
C5 GFO F . 16.60 -2.64 3.64
C6 GFO F . 16.30 -3.61 4.69
C7 GFO F . 17.16 -4.81 4.86
C11 GFO F . 20.14 -5.70 2.91
C12 GFO F . 21.36 -6.54 2.49
C14 GFO F . 23.51 -6.71 1.44
C16 GFO F . 24.77 -8.90 1.31
C18 GFO F . 25.65 -8.09 0.37
C19 GFO F . 24.29 -10.17 0.62
C23 GFO F . 18.62 -4.08 2.98
C25 GFO F . 14.41 0.95 2.41
C27 GFO F . 14.49 3.03 1.23
C29 GFO F . 14.57 5.15 0.03
C30 GFO F . 15.97 5.05 -0.04
C31 GFO F . 16.61 3.95 0.52
C32 GFO F . 15.86 2.93 1.16
N1 GFO F . 16.51 1.83 1.71
N3 GFO F . 16.48 -0.30 2.90
N9 GFO F . 18.33 -5.00 3.97
N10 GFO F . 19.26 -5.99 3.92
N22 GFO F . 19.73 -4.51 2.32
N24 GFO F . 17.74 -2.85 2.78
O8 GFO F . 16.92 -5.59 5.71
#